data_7MJ1
#
_entry.id   7MJ1
#
_cell.length_a   120.445
_cell.length_b   120.445
_cell.length_c   213.589
_cell.angle_alpha   90.000
_cell.angle_beta   90.000
_cell.angle_gamma   90.000
#
_symmetry.space_group_name_H-M   'P 4 21 2'
#
loop_
_entity.id
_entity.type
_entity.pdbx_description
1 polymer 'Pyridinium-3,5-biscarboxylic acid mononucleotide synthase'
2 non-polymer 'MAGNESIUM ION'
3 non-polymer NICOTINAMIDE-ADENINE-DINUCLEOTIDE
4 non-polymer '1,4-DIHYDRONICOTINAMIDE ADENINE DINUCLEOTIDE'
#
_entity_poly.entity_id   1
_entity_poly.type   'polypeptide(L)'
_entity_poly.pdbx_seq_one_letter_code
;MATTAEILQQVAAGQLSPTAAAQQLEAGKTAALGFANVDLDRQRRNGFPEVIYGAGKTATQIVGIVQALSQQTLPILTTR
LSAEKFAALQPALPTAVYHATAQCMTVGEQPAPKTPGYIAVVTAGTSDQPVAEEAAVTAETFGNRVERVYDVGVAGIHRL
FAKLDVIRGARVVIVIAGMEGALASVVGGLVDKPVIAVPTSVGYGTSFQGMTALLTMLNSCASGITVVNIDNGFGAAYSA
SMVNQMASWSHPQFEK
;
_entity_poly.pdbx_strand_id   A,C,D,E,F,B
#
# COMPACT_ATOMS: atom_id res chain seq x y z
N ASN A 46 -28.12 -24.97 26.82
CA ASN A 46 -26.90 -24.17 26.87
C ASN A 46 -25.69 -25.03 26.49
N GLY A 47 -25.64 -26.26 26.99
CA GLY A 47 -24.60 -27.20 26.65
C GLY A 47 -23.57 -27.44 27.73
N PHE A 48 -23.51 -26.58 28.76
CA PHE A 48 -22.48 -26.73 29.79
C PHE A 48 -23.07 -27.38 31.03
N PRO A 49 -22.38 -28.38 31.61
CA PRO A 49 -22.82 -28.93 32.90
C PRO A 49 -22.71 -27.89 34.01
N GLU A 50 -23.19 -28.27 35.18
CA GLU A 50 -23.14 -27.41 36.35
C GLU A 50 -21.87 -27.65 37.15
N VAL A 51 -21.47 -26.64 37.90
CA VAL A 51 -20.26 -26.71 38.72
C VAL A 51 -20.50 -25.92 40.01
N ILE A 52 -19.90 -26.39 41.10
CA ILE A 52 -20.05 -25.76 42.41
C ILE A 52 -18.68 -25.42 42.96
N TYR A 53 -18.62 -25.08 44.25
CA TYR A 53 -17.40 -24.67 44.94
C TYR A 53 -17.31 -25.51 46.22
N GLY A 54 -16.70 -26.69 46.10
CA GLY A 54 -16.70 -27.63 47.22
C GLY A 54 -15.99 -27.12 48.46
N ALA A 55 -14.95 -26.31 48.28
CA ALA A 55 -14.23 -25.78 49.43
C ALA A 55 -14.92 -24.55 50.02
N GLY A 56 -15.64 -23.79 49.20
CA GLY A 56 -16.30 -22.60 49.69
C GLY A 56 -17.60 -22.85 50.44
N LYS A 57 -18.23 -24.00 50.21
CA LYS A 57 -19.49 -24.34 50.84
C LYS A 57 -19.25 -25.30 52.01
N THR A 58 -20.32 -25.62 52.73
CA THR A 58 -20.24 -26.51 53.88
C THR A 58 -20.38 -27.96 53.42
N ALA A 59 -20.50 -28.88 54.38
CA ALA A 59 -20.51 -30.30 54.07
C ALA A 59 -21.76 -30.73 53.32
N THR A 60 -22.86 -29.97 53.42
CA THR A 60 -24.11 -30.38 52.79
C THR A 60 -24.80 -29.29 51.98
N GLN A 61 -24.34 -28.03 52.04
CA GLN A 61 -24.91 -27.00 51.18
C GLN A 61 -24.77 -27.37 49.72
N ILE A 62 -23.75 -28.15 49.37
CA ILE A 62 -23.63 -28.61 47.99
C ILE A 62 -24.76 -29.58 47.67
N VAL A 63 -25.13 -30.44 48.61
CA VAL A 63 -26.20 -31.41 48.35
C VAL A 63 -27.57 -30.77 48.52
N GLY A 64 -27.68 -29.74 49.37
CA GLY A 64 -28.93 -29.03 49.51
C GLY A 64 -29.32 -28.29 48.24
N ILE A 65 -28.33 -27.86 47.46
CA ILE A 65 -28.58 -27.20 46.19
C ILE A 65 -28.33 -28.12 45.00
N VAL A 66 -27.69 -29.27 45.20
CA VAL A 66 -27.46 -30.18 44.07
C VAL A 66 -28.77 -30.77 43.59
N GLN A 67 -29.72 -31.01 44.50
CA GLN A 67 -30.99 -31.57 44.07
C GLN A 67 -31.90 -30.51 43.45
N ALA A 68 -31.71 -29.24 43.84
CA ALA A 68 -32.42 -28.15 43.18
C ALA A 68 -31.78 -27.77 41.86
N LEU A 69 -30.53 -28.15 41.63
CA LEU A 69 -29.81 -27.82 40.40
C LEU A 69 -29.62 -29.01 39.46
N SER A 70 -29.70 -30.24 39.96
CA SER A 70 -29.52 -31.44 39.15
C SER A 70 -30.83 -32.19 38.95
N GLN A 71 -31.91 -31.44 38.64
CA GLN A 71 -33.19 -32.06 38.37
C GLN A 71 -33.17 -32.78 37.03
N GLN A 72 -32.40 -33.87 36.94
CA GLN A 72 -32.29 -34.69 35.74
C GLN A 72 -31.81 -33.86 34.54
N THR A 73 -30.61 -33.33 34.66
CA THR A 73 -29.99 -32.56 33.59
C THR A 73 -28.59 -33.10 33.33
N LEU A 74 -27.76 -32.31 32.63
CA LEU A 74 -26.39 -32.69 32.34
C LEU A 74 -25.63 -32.93 33.65
N PRO A 75 -24.59 -33.78 33.63
CA PRO A 75 -23.95 -34.20 34.88
C PRO A 75 -23.45 -33.04 35.71
N ILE A 76 -23.23 -33.32 36.99
CA ILE A 76 -22.84 -32.31 37.96
C ILE A 76 -21.33 -32.43 38.21
N LEU A 77 -20.74 -31.34 38.69
CA LEU A 77 -19.31 -31.29 38.94
C LEU A 77 -19.06 -30.55 40.24
N THR A 78 -18.11 -31.06 41.03
CA THR A 78 -17.73 -30.48 42.30
C THR A 78 -16.23 -30.24 42.31
N THR A 79 -15.83 -28.98 42.39
CA THR A 79 -14.42 -28.61 42.45
C THR A 79 -13.99 -28.35 43.87
N ARG A 80 -12.72 -28.67 44.16
CA ARG A 80 -12.08 -28.34 45.44
C ARG A 80 -12.84 -28.97 46.60
N LEU A 81 -13.05 -30.28 46.53
CA LEU A 81 -13.79 -31.02 47.53
C LEU A 81 -12.81 -31.69 48.49
N SER A 82 -13.10 -31.60 49.79
CA SER A 82 -12.20 -32.13 50.80
C SER A 82 -12.19 -33.65 50.77
N ALA A 83 -11.01 -34.24 50.99
CA ALA A 83 -10.89 -35.69 50.99
C ALA A 83 -11.76 -36.32 52.08
N GLU A 84 -11.96 -35.62 53.19
CA GLU A 84 -12.83 -36.12 54.25
C GLU A 84 -14.31 -35.93 53.90
N LYS A 85 -14.66 -34.80 53.30
CA LYS A 85 -16.05 -34.52 52.98
C LYS A 85 -16.59 -35.43 51.88
N PHE A 86 -15.72 -36.13 51.15
CA PHE A 86 -16.20 -37.12 50.19
C PHE A 86 -16.78 -38.34 50.88
N ALA A 87 -16.41 -38.58 52.13
CA ALA A 87 -16.96 -39.70 52.89
C ALA A 87 -18.23 -39.33 53.65
N ALA A 88 -18.37 -38.07 54.04
CA ALA A 88 -19.57 -37.61 54.73
C ALA A 88 -20.75 -37.39 53.79
N LEU A 89 -20.59 -37.70 52.50
CA LEU A 89 -21.65 -37.50 51.52
C LEU A 89 -21.94 -38.74 50.69
N GLN A 90 -21.16 -39.81 50.88
CA GLN A 90 -21.47 -41.07 50.21
C GLN A 90 -22.86 -41.60 50.55
N PRO A 91 -23.35 -41.55 51.80
CA PRO A 91 -24.73 -41.99 52.06
C PRO A 91 -25.78 -41.10 51.44
N ALA A 92 -25.48 -39.82 51.17
CA ALA A 92 -26.46 -38.93 50.57
C ALA A 92 -26.60 -39.15 49.07
N LEU A 93 -25.52 -39.52 48.40
CA LEU A 93 -25.53 -39.78 46.95
C LEU A 93 -24.67 -41.01 46.67
N PRO A 94 -25.25 -42.21 46.73
CA PRO A 94 -24.46 -43.42 46.46
C PRO A 94 -23.97 -43.51 45.02
N THR A 95 -24.66 -42.90 44.08
CA THR A 95 -24.24 -42.92 42.67
C THR A 95 -23.26 -41.78 42.37
N ALA A 96 -22.26 -41.63 43.23
CA ALA A 96 -21.26 -40.59 43.11
C ALA A 96 -19.88 -41.21 42.97
N VAL A 97 -19.08 -40.68 42.04
CA VAL A 97 -17.71 -41.13 41.85
C VAL A 97 -16.78 -40.04 42.36
N TYR A 98 -15.64 -40.46 42.92
CA TYR A 98 -14.70 -39.54 43.54
C TYR A 98 -13.30 -39.80 43.00
N HIS A 99 -12.55 -38.72 42.77
CA HIS A 99 -11.18 -38.78 42.28
C HIS A 99 -10.28 -38.17 43.35
N ALA A 100 -9.60 -39.03 44.11
CA ALA A 100 -8.80 -38.56 45.23
C ALA A 100 -7.68 -37.63 44.77
N THR A 101 -6.96 -38.02 43.71
CA THR A 101 -5.90 -37.16 43.19
C THR A 101 -6.45 -35.84 42.67
N ALA A 102 -7.63 -35.88 42.06
CA ALA A 102 -8.23 -34.66 41.51
C ALA A 102 -8.95 -33.83 42.56
N GLN A 103 -9.33 -34.43 43.68
CA GLN A 103 -10.13 -33.75 44.70
C GLN A 103 -11.41 -33.19 44.10
N CYS A 104 -11.99 -33.95 43.17
CA CYS A 104 -13.24 -33.57 42.52
C CYS A 104 -14.13 -34.80 42.43
N MET A 105 -15.44 -34.56 42.39
CA MET A 105 -16.42 -35.63 42.33
C MET A 105 -17.56 -35.24 41.40
N THR A 106 -17.92 -36.14 40.49
CA THR A 106 -19.02 -35.91 39.55
C THR A 106 -20.09 -36.98 39.75
N VAL A 107 -21.34 -36.54 39.70
CA VAL A 107 -22.50 -37.41 39.96
C VAL A 107 -23.40 -37.33 38.73
N GLY A 108 -23.27 -38.28 37.83
CA GLY A 108 -24.13 -38.33 36.67
C GLY A 108 -23.41 -38.97 35.49
N GLU A 109 -23.72 -38.47 34.30
CA GLU A 109 -23.22 -39.06 33.07
C GLU A 109 -21.74 -38.74 32.88
N GLN A 110 -20.98 -39.75 32.45
CA GLN A 110 -19.61 -39.55 32.00
C GLN A 110 -19.63 -39.53 30.47
N PRO A 111 -19.62 -38.35 29.84
CA PRO A 111 -19.89 -38.28 28.39
C PRO A 111 -18.83 -38.93 27.52
N ALA A 112 -19.07 -38.94 26.22
CA ALA A 112 -18.20 -39.49 25.20
C ALA A 112 -17.56 -38.38 24.38
N PRO A 113 -16.45 -38.66 23.69
CA PRO A 113 -15.82 -37.62 22.86
C PRO A 113 -16.76 -37.01 21.83
N LYS A 114 -17.07 -35.72 22.01
CA LYS A 114 -17.92 -34.98 21.09
C LYS A 114 -17.11 -34.32 19.97
N THR A 115 -15.83 -34.68 19.82
CA THR A 115 -14.93 -34.15 18.81
C THR A 115 -13.75 -35.11 18.67
N PRO A 116 -13.34 -35.46 17.45
CA PRO A 116 -12.25 -36.44 17.28
C PRO A 116 -10.92 -35.99 17.87
N GLY A 117 -10.73 -34.69 18.08
CA GLY A 117 -9.49 -34.22 18.68
C GLY A 117 -9.51 -34.28 20.19
N TYR A 118 -8.32 -34.31 20.76
CA TYR A 118 -8.15 -34.46 22.20
C TYR A 118 -7.31 -33.32 22.77
N ILE A 119 -7.50 -33.07 24.07
CA ILE A 119 -6.72 -32.11 24.82
C ILE A 119 -5.61 -32.84 25.54
N ALA A 120 -4.44 -32.22 25.64
CA ALA A 120 -3.28 -32.83 26.27
C ALA A 120 -2.94 -32.05 27.54
N VAL A 121 -2.98 -32.74 28.68
CA VAL A 121 -2.56 -32.17 29.95
C VAL A 121 -1.16 -32.68 30.26
N VAL A 122 -0.21 -31.76 30.37
CA VAL A 122 1.18 -32.11 30.65
C VAL A 122 1.60 -31.42 31.93
N THR A 123 2.42 -32.10 32.73
CA THR A 123 2.90 -31.57 33.99
C THR A 123 4.37 -31.91 34.16
N ALA A 124 5.10 -30.99 34.79
CA ALA A 124 6.55 -31.13 34.91
C ALA A 124 6.92 -32.19 35.95
N GLY A 125 6.44 -32.05 37.18
CA GLY A 125 6.77 -32.95 38.25
C GLY A 125 5.54 -33.67 38.78
N THR A 126 5.79 -34.59 39.72
CA THR A 126 4.72 -35.35 40.35
C THR A 126 3.97 -34.56 41.41
N SER A 127 4.49 -33.39 41.81
CA SER A 127 3.85 -32.57 42.83
C SER A 127 2.68 -31.76 42.29
N ASP A 128 2.54 -31.66 40.97
CA ASP A 128 1.43 -30.95 40.35
C ASP A 128 0.34 -31.87 39.84
N GLN A 129 0.47 -33.18 40.06
CA GLN A 129 -0.56 -34.12 39.64
C GLN A 129 -1.95 -33.80 40.22
N PRO A 130 -2.10 -33.29 41.47
CA PRO A 130 -3.45 -32.92 41.93
C PRO A 130 -4.17 -31.94 41.03
N VAL A 131 -3.62 -30.74 40.86
CA VAL A 131 -4.27 -29.74 40.01
C VAL A 131 -4.31 -30.19 38.55
N ALA A 132 -3.45 -31.13 38.16
CA ALA A 132 -3.51 -31.69 36.81
C ALA A 132 -4.77 -32.54 36.64
N GLU A 133 -5.02 -33.44 37.58
CA GLU A 133 -6.22 -34.26 37.51
C GLU A 133 -7.48 -33.42 37.73
N GLU A 134 -7.37 -32.32 38.47
CA GLU A 134 -8.51 -31.41 38.60
C GLU A 134 -8.90 -30.86 37.23
N ALA A 135 -7.92 -30.54 36.41
CA ALA A 135 -8.19 -30.09 35.04
C ALA A 135 -8.59 -31.25 34.14
N ALA A 136 -7.99 -32.43 34.36
CA ALA A 136 -8.27 -33.57 33.48
C ALA A 136 -9.72 -34.01 33.58
N VAL A 137 -10.21 -34.22 34.80
CA VAL A 137 -11.59 -34.69 34.97
C VAL A 137 -12.59 -33.59 34.62
N THR A 138 -12.19 -32.32 34.68
CA THR A 138 -13.08 -31.24 34.26
C THR A 138 -13.18 -31.19 32.74
N ALA A 139 -12.07 -31.39 32.04
CA ALA A 139 -12.12 -31.51 30.59
C ALA A 139 -12.82 -32.78 30.14
N GLU A 140 -12.93 -33.78 31.02
CA GLU A 140 -13.62 -35.01 30.66
C GLU A 140 -15.12 -34.87 30.83
N THR A 141 -15.56 -34.12 31.84
CA THR A 141 -16.99 -33.90 32.04
C THR A 141 -17.60 -33.14 30.86
N PHE A 142 -16.89 -32.14 30.35
CA PHE A 142 -17.38 -31.34 29.23
C PHE A 142 -17.44 -32.13 27.92
N GLY A 143 -16.88 -33.34 27.90
CA GLY A 143 -17.00 -34.19 26.71
C GLY A 143 -15.85 -34.08 25.74
N ASN A 144 -14.62 -34.03 26.26
CA ASN A 144 -13.42 -33.99 25.43
C ASN A 144 -12.48 -35.10 25.86
N ARG A 145 -12.02 -35.91 24.91
CA ARG A 145 -10.98 -36.87 25.21
C ARG A 145 -9.72 -36.13 25.61
N VAL A 146 -9.01 -36.65 26.61
CA VAL A 146 -7.84 -35.98 27.16
C VAL A 146 -6.72 -37.01 27.29
N GLU A 147 -5.51 -36.61 26.87
CA GLU A 147 -4.33 -37.45 26.97
C GLU A 147 -3.40 -36.88 28.03
N ARG A 148 -2.98 -37.74 28.96
CA ARG A 148 -2.17 -37.33 30.09
C ARG A 148 -0.70 -37.62 29.83
N VAL A 149 0.14 -36.59 30.01
CA VAL A 149 1.59 -36.69 29.83
C VAL A 149 2.21 -36.14 31.09
N TYR A 150 2.55 -37.02 32.03
CA TYR A 150 2.93 -36.64 33.39
C TYR A 150 4.43 -36.81 33.63
N ASP A 151 4.94 -36.02 34.58
CA ASP A 151 6.34 -36.09 35.03
C ASP A 151 7.30 -35.85 33.85
N VAL A 152 7.23 -34.63 33.33
CA VAL A 152 7.99 -34.25 32.14
C VAL A 152 8.70 -32.92 32.38
N GLY A 153 9.46 -32.83 33.47
CA GLY A 153 10.12 -31.59 33.82
C GLY A 153 11.24 -31.24 32.86
N VAL A 154 11.69 -29.97 32.95
CA VAL A 154 12.79 -29.51 32.13
C VAL A 154 14.12 -30.07 32.59
N ALA A 155 14.18 -30.60 33.82
CA ALA A 155 15.41 -31.26 34.28
C ALA A 155 15.68 -32.52 33.46
N GLY A 156 14.65 -33.15 32.91
CA GLY A 156 14.81 -34.24 31.98
C GLY A 156 14.11 -33.94 30.67
N ILE A 157 14.67 -33.02 29.89
CA ILE A 157 14.01 -32.53 28.68
C ILE A 157 13.82 -33.62 27.65
N HIS A 158 14.62 -34.70 27.70
CA HIS A 158 14.45 -35.79 26.76
C HIS A 158 13.11 -36.50 26.95
N ARG A 159 12.54 -36.43 28.14
CA ARG A 159 11.25 -37.05 28.38
C ARG A 159 10.14 -36.36 27.59
N LEU A 160 10.31 -35.08 27.28
CA LEU A 160 9.30 -34.35 26.53
C LEU A 160 9.32 -34.74 25.06
N PHE A 161 10.52 -34.82 24.47
CA PHE A 161 10.63 -35.17 23.06
C PHE A 161 10.17 -36.59 22.79
N ALA A 162 10.17 -37.46 23.81
CA ALA A 162 9.61 -38.79 23.64
C ALA A 162 8.10 -38.73 23.45
N LYS A 163 7.44 -37.80 24.14
CA LYS A 163 5.99 -37.63 24.05
C LYS A 163 5.60 -36.39 23.25
N LEU A 164 6.55 -35.78 22.53
CA LEU A 164 6.23 -34.59 21.76
C LEU A 164 5.29 -34.89 20.60
N ASP A 165 5.40 -36.08 20.00
CA ASP A 165 4.52 -36.44 18.91
C ASP A 165 3.05 -36.50 19.36
N VAL A 166 2.82 -36.86 20.62
CA VAL A 166 1.46 -36.88 21.14
C VAL A 166 0.98 -35.49 21.49
N ILE A 167 1.86 -34.65 22.05
CA ILE A 167 1.48 -33.29 22.43
C ILE A 167 1.19 -32.46 21.19
N ARG A 168 2.01 -32.58 20.15
CA ARG A 168 1.82 -31.78 18.94
C ARG A 168 0.51 -32.10 18.22
N GLY A 169 -0.04 -33.29 18.42
CA GLY A 169 -1.27 -33.66 17.75
C GLY A 169 -2.51 -33.54 18.62
N ALA A 170 -2.55 -32.51 19.48
CA ALA A 170 -3.66 -32.28 20.38
C ALA A 170 -4.20 -30.88 20.15
N ARG A 171 -5.51 -30.79 19.88
CA ARG A 171 -6.12 -29.50 19.50
C ARG A 171 -5.79 -28.41 20.51
N VAL A 172 -5.73 -28.75 21.80
CA VAL A 172 -5.24 -27.85 22.84
C VAL A 172 -4.32 -28.64 23.76
N VAL A 173 -3.36 -27.95 24.36
CA VAL A 173 -2.48 -28.52 25.37
C VAL A 173 -2.50 -27.63 26.60
N ILE A 174 -2.30 -28.25 27.76
CA ILE A 174 -2.35 -27.55 29.04
C ILE A 174 -1.06 -27.87 29.79
N VAL A 175 -0.23 -26.85 30.00
CA VAL A 175 1.02 -27.00 30.72
C VAL A 175 0.80 -26.66 32.19
N ILE A 176 1.37 -27.48 33.07
CA ILE A 176 1.24 -27.31 34.51
C ILE A 176 2.64 -27.28 35.11
N ALA A 177 2.88 -26.32 35.99
CA ALA A 177 4.22 -26.16 36.54
C ALA A 177 4.16 -25.41 37.86
N GLY A 178 5.25 -25.52 38.63
CA GLY A 178 5.38 -24.81 39.88
C GLY A 178 6.75 -24.16 40.03
N MET A 179 7.70 -24.90 40.61
CA MET A 179 9.05 -24.36 40.77
C MET A 179 9.69 -24.14 39.41
N GLU A 180 10.05 -22.89 39.14
CA GLU A 180 10.63 -22.49 37.86
C GLU A 180 9.75 -22.95 36.70
N GLY A 181 8.63 -22.26 36.48
CA GLY A 181 7.68 -22.68 35.47
C GLY A 181 8.21 -22.63 34.05
N ALA A 182 9.38 -23.24 33.83
CA ALA A 182 10.03 -23.19 32.53
C ALA A 182 9.28 -24.03 31.49
N LEU A 183 8.54 -25.05 31.95
CA LEU A 183 7.91 -25.98 31.02
C LEU A 183 7.01 -25.27 30.02
N ALA A 184 6.28 -24.25 30.47
CA ALA A 184 5.38 -23.52 29.56
C ALA A 184 6.15 -22.96 28.38
N SER A 185 7.24 -22.22 28.66
CA SER A 185 8.01 -21.61 27.58
C SER A 185 8.56 -22.67 26.63
N VAL A 186 8.93 -23.84 27.16
CA VAL A 186 9.49 -24.90 26.31
C VAL A 186 8.44 -25.43 25.36
N VAL A 187 7.29 -25.85 25.89
CA VAL A 187 6.23 -26.38 25.04
C VAL A 187 5.67 -25.30 24.14
N GLY A 188 5.62 -24.06 24.62
CA GLY A 188 5.10 -22.97 23.80
C GLY A 188 5.90 -22.77 22.53
N GLY A 189 7.23 -22.80 22.64
CA GLY A 189 8.07 -22.65 21.46
C GLY A 189 8.22 -23.89 20.61
N LEU A 190 7.74 -25.04 21.10
CA LEU A 190 7.86 -26.29 20.37
C LEU A 190 6.54 -26.81 19.83
N VAL A 191 5.41 -26.23 20.24
CA VAL A 191 4.10 -26.68 19.81
C VAL A 191 3.32 -25.48 19.28
N ASP A 192 2.99 -25.52 17.99
CA ASP A 192 2.19 -24.47 17.36
C ASP A 192 0.69 -24.82 17.44
N LYS A 193 0.22 -24.92 18.68
CA LYS A 193 -1.18 -25.15 18.99
C LYS A 193 -1.49 -24.43 20.30
N PRO A 194 -2.76 -24.09 20.55
CA PRO A 194 -3.07 -23.26 21.72
C PRO A 194 -2.65 -23.94 23.02
N VAL A 195 -2.04 -23.14 23.91
CA VAL A 195 -1.53 -23.62 25.20
C VAL A 195 -2.18 -22.80 26.30
N ILE A 196 -2.65 -23.48 27.34
CA ILE A 196 -3.12 -22.84 28.56
C ILE A 196 -2.16 -23.20 29.68
N ALA A 197 -1.81 -22.20 30.50
CA ALA A 197 -0.80 -22.37 31.54
C ALA A 197 -1.45 -22.22 32.91
N VAL A 198 -1.15 -23.14 33.81
CA VAL A 198 -1.66 -23.15 35.17
C VAL A 198 -0.49 -23.18 36.13
N PRO A 199 -0.28 -22.16 36.96
CA PRO A 199 0.75 -22.24 38.00
C PRO A 199 0.21 -22.94 39.24
N THR A 200 1.11 -23.64 39.92
CA THR A 200 0.74 -24.40 41.11
C THR A 200 1.42 -23.82 42.34
N SER A 201 0.72 -23.91 43.47
CA SER A 201 1.23 -23.42 44.74
C SER A 201 2.26 -24.34 45.38
N VAL A 202 2.58 -25.46 44.74
CA VAL A 202 3.52 -26.43 45.32
C VAL A 202 4.94 -25.91 45.17
N GLY A 203 5.77 -26.21 46.15
CA GLY A 203 7.13 -25.71 46.23
C GLY A 203 7.44 -25.18 47.61
N TYR A 204 8.72 -24.84 47.80
CA TYR A 204 9.20 -24.29 49.05
C TYR A 204 9.63 -22.84 48.85
N GLY A 205 10.66 -22.41 49.58
CA GLY A 205 11.10 -21.03 49.62
C GLY A 205 11.15 -20.29 48.29
N THR A 206 10.71 -19.03 48.32
CA THR A 206 10.75 -18.07 47.22
C THR A 206 9.77 -18.42 46.09
N SER A 207 9.17 -19.61 46.13
CA SER A 207 8.10 -19.92 45.20
C SER A 207 6.87 -19.05 45.47
N PHE A 208 6.74 -18.52 46.69
CA PHE A 208 5.69 -17.57 47.05
C PHE A 208 4.30 -18.15 46.78
N GLN A 209 4.11 -19.39 47.20
CA GLN A 209 2.83 -20.10 47.05
C GLN A 209 2.36 -20.08 45.59
N GLY A 210 3.30 -20.25 44.67
CA GLY A 210 2.99 -20.30 43.26
C GLY A 210 3.09 -18.98 42.52
N MET A 211 3.29 -17.88 43.24
CA MET A 211 3.33 -16.57 42.54
C MET A 211 4.45 -16.41 41.51
N THR A 212 5.55 -17.14 41.67
CA THR A 212 6.76 -16.88 40.86
C THR A 212 6.79 -17.75 39.57
N ALA A 213 5.76 -18.60 39.49
CA ALA A 213 5.54 -19.45 38.30
C ALA A 213 4.51 -18.64 37.54
N LEU A 214 3.57 -18.02 38.24
CA LEU A 214 2.58 -17.21 37.52
C LEU A 214 3.26 -16.11 36.71
N LEU A 215 4.31 -15.52 37.27
CA LEU A 215 5.01 -14.43 36.58
C LEU A 215 5.85 -14.97 35.43
N THR A 216 6.30 -16.22 35.51
CA THR A 216 7.15 -16.78 34.47
C THR A 216 6.36 -17.00 33.18
N MET A 217 5.20 -17.65 33.29
CA MET A 217 4.42 -17.99 32.12
C MET A 217 3.75 -16.77 31.49
N LEU A 218 3.55 -15.71 32.26
CA LEU A 218 3.14 -14.44 31.67
C LEU A 218 4.24 -13.87 30.78
N ASN A 219 5.49 -13.94 31.25
CA ASN A 219 6.62 -13.35 30.55
C ASN A 219 7.02 -14.14 29.31
N SER A 220 6.32 -15.23 28.98
CA SER A 220 6.51 -15.92 27.71
C SER A 220 5.14 -16.20 27.09
N CYS A 221 4.37 -15.13 26.91
CA CYS A 221 3.04 -15.23 26.31
C CYS A 221 3.05 -15.01 24.80
N ALA A 222 4.08 -14.36 24.27
CA ALA A 222 4.19 -14.10 22.83
C ALA A 222 4.48 -15.37 22.02
N SER A 223 4.51 -16.54 22.66
CA SER A 223 4.76 -17.81 21.98
C SER A 223 3.48 -18.63 21.83
N GLY A 224 2.32 -18.00 21.93
CA GLY A 224 1.06 -18.71 21.89
C GLY A 224 0.57 -19.20 23.23
N ILE A 225 1.03 -18.61 24.33
CA ILE A 225 0.69 -19.05 25.68
C ILE A 225 -0.26 -18.03 26.30
N THR A 226 -1.34 -18.53 26.90
CA THR A 226 -2.22 -17.73 27.73
C THR A 226 -2.36 -18.43 29.06
N VAL A 227 -2.19 -17.69 30.15
CA VAL A 227 -2.06 -18.26 31.48
C VAL A 227 -3.28 -17.86 32.32
N VAL A 228 -3.70 -18.77 33.20
CA VAL A 228 -4.77 -18.49 34.14
C VAL A 228 -4.22 -18.44 35.57
N ASN A 229 -5.10 -18.57 36.55
CA ASN A 229 -4.76 -18.33 37.95
C ASN A 229 -4.08 -19.56 38.57
N ILE A 230 -3.48 -19.34 39.75
CA ILE A 230 -2.80 -20.41 40.47
C ILE A 230 -3.81 -21.48 40.88
N ASP A 231 -3.39 -22.74 40.72
CA ASP A 231 -4.19 -23.92 41.06
C ASP A 231 -5.54 -23.95 40.37
N ASN A 232 -5.73 -23.14 39.33
CA ASN A 232 -7.02 -23.07 38.64
C ASN A 232 -7.04 -24.03 37.45
N GLY A 233 -6.93 -25.33 37.78
CA GLY A 233 -7.09 -26.34 36.75
C GLY A 233 -8.46 -26.34 36.13
N PHE A 234 -9.47 -25.90 36.88
CA PHE A 234 -10.83 -25.82 36.34
C PHE A 234 -10.91 -24.79 35.22
N GLY A 235 -10.47 -23.56 35.50
CA GLY A 235 -10.55 -22.51 34.49
C GLY A 235 -9.75 -22.82 33.24
N ALA A 236 -8.64 -23.56 33.39
CA ALA A 236 -7.87 -23.95 32.22
C ALA A 236 -8.63 -24.95 31.36
N ALA A 237 -9.17 -25.99 31.98
CA ALA A 237 -9.93 -26.99 31.23
C ALA A 237 -11.22 -26.41 30.68
N TYR A 238 -11.83 -25.46 31.39
CA TYR A 238 -13.02 -24.78 30.88
C TYR A 238 -12.71 -24.06 29.58
N SER A 239 -11.64 -23.25 29.58
CA SER A 239 -11.25 -22.56 28.36
C SER A 239 -10.76 -23.53 27.30
N ALA A 240 -9.97 -24.54 27.70
CA ALA A 240 -9.48 -25.52 26.75
C ALA A 240 -10.64 -26.28 26.11
N SER A 241 -11.70 -26.54 26.87
CA SER A 241 -12.89 -27.20 26.31
C SER A 241 -13.52 -26.33 25.24
N MET A 242 -13.72 -25.04 25.53
CA MET A 242 -14.30 -24.13 24.55
C MET A 242 -13.49 -24.12 23.26
N VAL A 243 -12.16 -24.12 23.38
CA VAL A 243 -11.32 -24.14 22.18
C VAL A 243 -11.44 -25.48 21.47
N ASN A 244 -11.54 -26.57 22.23
CA ASN A 244 -11.67 -27.89 21.61
C ASN A 244 -13.06 -28.09 21.00
N GLN A 245 -14.09 -27.49 21.60
CA GLN A 245 -15.46 -27.60 21.09
C GLN A 245 -15.68 -26.63 19.93
N MET A 246 -14.75 -26.59 18.98
CA MET A 246 -14.87 -25.72 17.83
C MET A 246 -14.94 -26.52 16.53
N ASN B 46 -2.90 -34.58 -9.87
CA ASN B 46 -4.30 -34.38 -10.25
C ASN B 46 -5.02 -33.52 -9.22
N GLY B 47 -5.21 -34.06 -8.01
CA GLY B 47 -5.94 -33.36 -6.99
C GLY B 47 -7.40 -33.10 -7.30
N PHE B 48 -7.94 -33.72 -8.35
CA PHE B 48 -9.33 -33.51 -8.75
C PHE B 48 -10.15 -34.76 -8.46
N PRO B 49 -10.98 -34.76 -7.41
CA PRO B 49 -11.87 -35.90 -7.17
C PRO B 49 -12.80 -36.13 -8.35
N GLU B 50 -13.15 -37.40 -8.56
CA GLU B 50 -13.96 -37.79 -9.71
C GLU B 50 -15.44 -37.69 -9.38
N VAL B 51 -16.22 -37.25 -10.38
CA VAL B 51 -17.66 -37.05 -10.25
C VAL B 51 -18.35 -37.68 -11.46
N ILE B 52 -19.53 -38.27 -11.22
CA ILE B 52 -20.32 -38.88 -12.29
C ILE B 52 -21.70 -38.25 -12.33
N TYR B 53 -22.51 -38.66 -13.32
CA TYR B 53 -23.85 -38.13 -13.53
C TYR B 53 -24.85 -39.13 -12.98
N GLY B 54 -25.32 -38.87 -11.75
CA GLY B 54 -26.19 -39.83 -11.07
C GLY B 54 -27.59 -39.93 -11.65
N ALA B 55 -28.03 -38.93 -12.42
CA ALA B 55 -29.36 -38.93 -13.00
C ALA B 55 -29.34 -39.35 -14.47
N GLY B 56 -28.47 -40.29 -14.84
CA GLY B 56 -28.39 -40.74 -16.21
C GLY B 56 -28.22 -42.23 -16.35
N LYS B 57 -28.22 -42.95 -15.23
CA LYS B 57 -28.05 -44.40 -15.25
C LYS B 57 -28.81 -45.00 -14.08
N THR B 58 -28.87 -46.33 -14.07
CA THR B 58 -29.57 -47.05 -13.03
C THR B 58 -28.73 -47.11 -11.75
N ALA B 59 -29.42 -47.29 -10.62
CA ALA B 59 -28.74 -47.30 -9.33
C ALA B 59 -27.73 -48.45 -9.23
N THR B 60 -27.94 -49.52 -10.00
CA THR B 60 -26.96 -50.60 -10.05
C THR B 60 -25.85 -50.31 -11.04
N GLN B 61 -26.15 -49.53 -12.08
CA GLN B 61 -25.11 -49.10 -13.01
C GLN B 61 -24.21 -48.03 -12.39
N ILE B 62 -24.76 -47.26 -11.44
CA ILE B 62 -23.97 -46.24 -10.75
C ILE B 62 -22.98 -46.90 -9.79
N VAL B 63 -23.44 -47.90 -9.02
CA VAL B 63 -22.53 -48.58 -8.11
C VAL B 63 -21.57 -49.48 -8.87
N GLY B 64 -21.93 -49.93 -10.08
CA GLY B 64 -21.01 -50.71 -10.88
C GLY B 64 -19.79 -49.92 -11.31
N ILE B 65 -19.96 -48.62 -11.56
CA ILE B 65 -18.83 -47.78 -11.94
C ILE B 65 -18.14 -47.16 -10.73
N VAL B 66 -18.86 -46.96 -9.63
CA VAL B 66 -18.21 -46.55 -8.39
C VAL B 66 -17.34 -47.68 -7.86
N GLN B 67 -17.82 -48.92 -7.95
CA GLN B 67 -16.97 -50.06 -7.62
C GLN B 67 -15.88 -50.26 -8.66
N ALA B 68 -16.11 -49.82 -9.91
CA ALA B 68 -15.07 -49.85 -10.91
C ALA B 68 -14.06 -48.72 -10.73
N LEU B 69 -14.49 -47.61 -10.14
CA LEU B 69 -13.57 -46.55 -9.75
C LEU B 69 -13.05 -46.71 -8.32
N SER B 70 -13.47 -47.76 -7.62
CA SER B 70 -13.03 -48.01 -6.26
C SER B 70 -11.57 -48.46 -6.23
N GLN B 71 -10.66 -47.54 -6.52
CA GLN B 71 -9.23 -47.82 -6.49
C GLN B 71 -8.52 -46.96 -5.44
N GLN B 72 -9.25 -46.52 -4.42
CA GLN B 72 -8.75 -45.65 -3.36
C GLN B 72 -8.16 -44.37 -3.96
N THR B 73 -9.06 -43.58 -4.55
CA THR B 73 -8.70 -42.35 -5.23
C THR B 73 -9.31 -41.17 -4.45
N LEU B 74 -8.59 -40.73 -3.41
CA LEU B 74 -9.01 -39.58 -2.60
C LEU B 74 -10.41 -39.85 -2.04
N PRO B 75 -11.34 -38.88 -2.03
CA PRO B 75 -12.75 -39.29 -2.09
C PRO B 75 -13.30 -38.99 -3.46
N ILE B 76 -14.42 -39.60 -3.83
CA ILE B 76 -15.09 -39.28 -5.09
C ILE B 76 -16.54 -38.96 -4.76
N LEU B 77 -17.19 -38.29 -5.70
CA LEU B 77 -18.50 -37.69 -5.48
C LEU B 77 -19.44 -38.07 -6.61
N THR B 78 -20.74 -38.05 -6.33
CA THR B 78 -21.75 -38.34 -7.34
C THR B 78 -22.94 -37.41 -7.13
N THR B 79 -23.31 -36.66 -8.17
CA THR B 79 -24.38 -35.67 -8.10
C THR B 79 -25.69 -36.22 -8.65
N ARG B 80 -26.78 -35.58 -8.25
CA ARG B 80 -28.12 -35.86 -8.76
C ARG B 80 -28.51 -37.33 -8.54
N LEU B 81 -28.48 -37.73 -7.27
CA LEU B 81 -28.96 -39.04 -6.86
C LEU B 81 -30.33 -38.89 -6.23
N SER B 82 -31.33 -39.52 -6.84
CA SER B 82 -32.68 -39.47 -6.30
C SER B 82 -32.74 -40.16 -4.94
N ALA B 83 -33.68 -39.71 -4.11
CA ALA B 83 -33.86 -40.32 -2.80
C ALA B 83 -34.20 -41.80 -2.91
N GLU B 84 -34.87 -42.20 -4.00
CA GLU B 84 -35.12 -43.62 -4.24
C GLU B 84 -33.87 -44.34 -4.72
N LYS B 85 -32.96 -43.63 -5.39
CA LYS B 85 -31.72 -44.25 -5.85
C LYS B 85 -30.76 -44.52 -4.69
N PHE B 86 -30.90 -43.79 -3.58
CA PHE B 86 -30.05 -44.01 -2.41
C PHE B 86 -30.64 -45.04 -1.45
N ALA B 87 -31.96 -45.09 -1.33
CA ALA B 87 -32.61 -46.06 -0.46
C ALA B 87 -32.36 -47.50 -0.91
N ALA B 88 -32.08 -47.70 -2.20
CA ALA B 88 -31.84 -49.04 -2.73
C ALA B 88 -30.39 -49.47 -2.62
N LEU B 89 -29.45 -48.53 -2.49
CA LEU B 89 -28.02 -48.85 -2.51
C LEU B 89 -27.30 -48.41 -1.24
N GLN B 90 -28.02 -47.95 -0.20
CA GLN B 90 -27.35 -47.60 1.04
C GLN B 90 -26.85 -48.81 1.81
N PRO B 91 -27.67 -49.83 2.10
CA PRO B 91 -27.14 -50.99 2.83
C PRO B 91 -26.16 -51.83 2.03
N ALA B 92 -26.24 -51.80 0.70
CA ALA B 92 -25.31 -52.58 -0.12
C ALA B 92 -23.89 -52.03 -0.07
N LEU B 93 -23.73 -50.76 0.28
CA LEU B 93 -22.42 -50.13 0.41
C LEU B 93 -22.34 -49.49 1.78
N PRO B 94 -21.63 -50.10 2.72
CA PRO B 94 -21.73 -49.64 4.13
C PRO B 94 -21.26 -48.21 4.34
N THR B 95 -20.18 -47.79 3.68
CA THR B 95 -19.59 -46.47 3.90
C THR B 95 -19.95 -45.58 2.71
N ALA B 96 -20.83 -44.61 2.95
CA ALA B 96 -21.26 -43.62 1.96
C ALA B 96 -22.13 -42.59 2.67
N VAL B 97 -21.91 -41.32 2.35
CA VAL B 97 -22.67 -40.23 2.97
C VAL B 97 -23.62 -39.65 1.93
N TYR B 98 -24.84 -39.34 2.36
CA TYR B 98 -25.89 -38.84 1.49
C TYR B 98 -26.62 -37.71 2.18
N HIS B 99 -26.79 -36.59 1.47
CA HIS B 99 -27.55 -35.45 1.96
C HIS B 99 -28.76 -35.28 1.05
N ALA B 100 -29.96 -35.47 1.62
CA ALA B 100 -31.18 -35.44 0.81
C ALA B 100 -31.36 -34.10 0.12
N THR B 101 -31.11 -33.00 0.84
CA THR B 101 -31.26 -31.68 0.23
C THR B 101 -30.25 -31.47 -0.89
N ALA B 102 -29.03 -32.00 -0.73
CA ALA B 102 -28.01 -31.85 -1.76
C ALA B 102 -28.16 -32.85 -2.89
N GLN B 103 -28.79 -34.00 -2.64
CA GLN B 103 -28.95 -35.05 -3.64
C GLN B 103 -27.59 -35.47 -4.22
N CYS B 104 -26.59 -35.57 -3.35
CA CYS B 104 -25.25 -35.97 -3.74
C CYS B 104 -24.71 -36.98 -2.75
N MET B 105 -23.79 -37.82 -3.22
CA MET B 105 -23.23 -38.90 -2.41
C MET B 105 -21.71 -38.91 -2.55
N THR B 106 -21.01 -38.81 -1.43
CA THR B 106 -19.56 -38.91 -1.39
C THR B 106 -19.15 -40.17 -0.65
N VAL B 107 -18.10 -40.82 -1.12
CA VAL B 107 -17.60 -42.05 -0.51
C VAL B 107 -16.16 -41.81 -0.11
N GLY B 108 -15.93 -41.63 1.18
CA GLY B 108 -14.61 -41.36 1.71
C GLY B 108 -14.70 -40.51 2.96
N GLU B 109 -13.57 -39.92 3.33
CA GLU B 109 -13.50 -39.07 4.50
C GLU B 109 -13.05 -37.66 4.14
N PRO B 111 -13.11 -34.08 3.17
CA PRO B 111 -11.72 -34.20 3.60
C PRO B 111 -11.31 -33.07 4.55
N ALA B 112 -10.14 -32.49 4.30
CA ALA B 112 -9.63 -31.36 5.05
C ALA B 112 -9.33 -30.20 4.10
N PRO B 113 -9.53 -28.95 4.54
CA PRO B 113 -9.31 -27.81 3.64
C PRO B 113 -7.90 -27.75 3.08
N LYS B 114 -7.78 -27.96 1.77
CA LYS B 114 -6.46 -28.04 1.15
C LYS B 114 -5.74 -26.70 1.19
N THR B 115 -6.42 -25.62 0.79
CA THR B 115 -5.81 -24.31 0.79
C THR B 115 -6.58 -23.37 1.72
N PRO B 116 -5.88 -22.45 2.40
CA PRO B 116 -6.57 -21.53 3.31
C PRO B 116 -7.47 -20.57 2.56
N GLY B 117 -8.52 -20.12 3.25
CA GLY B 117 -9.52 -19.27 2.66
C GLY B 117 -10.84 -19.98 2.48
N TYR B 118 -11.91 -19.20 2.39
CA TYR B 118 -13.26 -19.72 2.29
C TYR B 118 -13.97 -19.10 1.09
N ILE B 119 -14.76 -19.90 0.39
CA ILE B 119 -15.65 -19.40 -0.64
C ILE B 119 -17.04 -19.28 -0.05
N ALA B 120 -17.74 -18.22 -0.42
CA ALA B 120 -19.03 -17.89 0.19
C ALA B 120 -20.15 -18.20 -0.80
N VAL B 121 -21.08 -19.05 -0.39
CA VAL B 121 -22.23 -19.41 -1.21
C VAL B 121 -23.41 -18.60 -0.70
N VAL B 122 -23.73 -17.52 -1.41
CA VAL B 122 -24.83 -16.65 -1.04
C VAL B 122 -26.08 -17.09 -1.80
N THR B 123 -27.22 -17.09 -1.11
CA THR B 123 -28.46 -17.60 -1.65
C THR B 123 -29.57 -16.59 -1.45
N ALA B 124 -30.36 -16.34 -2.50
CA ALA B 124 -31.41 -15.34 -2.43
C ALA B 124 -32.48 -15.74 -1.44
N GLY B 125 -32.99 -16.97 -1.52
CA GLY B 125 -34.03 -17.43 -0.63
C GLY B 125 -33.81 -18.89 -0.25
N THR B 126 -34.54 -19.30 0.79
CA THR B 126 -34.46 -20.68 1.25
C THR B 126 -35.01 -21.67 0.23
N SER B 127 -35.71 -21.20 -0.80
CA SER B 127 -36.19 -22.08 -1.86
C SER B 127 -35.07 -22.59 -2.74
N ASP B 128 -33.88 -21.98 -2.68
CA ASP B 128 -32.75 -22.38 -3.50
C ASP B 128 -31.73 -23.20 -2.73
N GLN B 129 -32.06 -23.64 -1.52
CA GLN B 129 -31.13 -24.45 -0.73
C GLN B 129 -30.64 -25.71 -1.45
N PRO B 130 -31.46 -26.46 -2.21
CA PRO B 130 -30.92 -27.66 -2.90
C PRO B 130 -29.70 -27.37 -3.76
N VAL B 131 -29.85 -26.49 -4.76
CA VAL B 131 -28.75 -26.20 -5.67
C VAL B 131 -27.61 -25.50 -4.92
N ALA B 132 -27.93 -24.73 -3.88
CA ALA B 132 -26.88 -24.09 -3.09
C ALA B 132 -26.14 -25.12 -2.24
N GLU B 133 -26.87 -26.06 -1.63
CA GLU B 133 -26.22 -27.11 -0.85
C GLU B 133 -25.49 -28.09 -1.76
N GLU B 134 -26.06 -28.40 -2.93
CA GLU B 134 -25.34 -29.19 -3.91
C GLU B 134 -24.01 -28.53 -4.25
N ALA B 135 -24.00 -27.21 -4.37
CA ALA B 135 -22.76 -26.48 -4.60
C ALA B 135 -21.89 -26.44 -3.35
N ALA B 136 -22.50 -26.54 -2.17
CA ALA B 136 -21.73 -26.43 -0.93
C ALA B 136 -20.91 -27.68 -0.69
N VAL B 137 -21.49 -28.87 -0.91
CA VAL B 137 -20.77 -30.10 -0.59
C VAL B 137 -19.69 -30.38 -1.63
N THR B 138 -19.96 -30.10 -2.91
CA THR B 138 -18.95 -30.35 -3.93
C THR B 138 -17.77 -29.39 -3.79
N ALA B 139 -18.02 -28.17 -3.31
CA ALA B 139 -16.91 -27.28 -2.99
C ALA B 139 -16.12 -27.79 -1.78
N GLU B 140 -16.79 -28.51 -0.88
CA GLU B 140 -16.11 -29.11 0.26
C GLU B 140 -15.29 -30.32 -0.16
N THR B 141 -15.88 -31.19 -1.00
CA THR B 141 -15.18 -32.40 -1.44
C THR B 141 -13.87 -32.06 -2.15
N PHE B 142 -13.84 -30.95 -2.88
CA PHE B 142 -12.61 -30.52 -3.54
C PHE B 142 -11.64 -29.83 -2.58
N GLY B 143 -12.02 -29.67 -1.31
CA GLY B 143 -11.12 -29.21 -0.28
C GLY B 143 -11.11 -27.73 0.02
N ASN B 144 -12.24 -27.04 -0.09
CA ASN B 144 -12.32 -25.61 0.19
C ASN B 144 -13.22 -25.36 1.40
N ARG B 145 -12.83 -24.40 2.23
CA ARG B 145 -13.74 -23.93 3.26
C ARG B 145 -14.92 -23.23 2.59
N VAL B 146 -16.12 -23.40 3.14
CA VAL B 146 -17.31 -22.78 2.59
C VAL B 146 -18.07 -22.10 3.72
N GLU B 147 -18.55 -20.89 3.45
CA GLU B 147 -19.36 -20.11 4.38
C GLU B 147 -20.73 -19.90 3.77
N ARG B 148 -21.77 -20.36 4.48
CA ARG B 148 -23.13 -20.33 3.97
C ARG B 148 -23.82 -19.04 4.42
N VAL B 149 -24.25 -18.24 3.45
CA VAL B 149 -25.04 -17.04 3.69
C VAL B 149 -26.36 -17.24 2.97
N TYR B 150 -27.40 -17.58 3.71
CA TYR B 150 -28.67 -17.99 3.13
C TYR B 150 -29.75 -16.93 3.37
N ASP B 151 -30.63 -16.92 2.41
CA ASP B 151 -31.73 -16.00 2.69
C ASP B 151 -31.32 -14.57 2.91
N VAL B 152 -30.87 -13.98 1.84
CA VAL B 152 -30.67 -12.55 1.84
C VAL B 152 -31.14 -11.91 0.55
N GLY B 153 -32.41 -12.11 0.23
CA GLY B 153 -32.95 -11.65 -1.05
C GLY B 153 -33.13 -10.14 -1.10
N VAL B 154 -33.34 -9.66 -2.32
CA VAL B 154 -33.49 -8.23 -2.56
C VAL B 154 -34.80 -7.72 -1.96
N ALA B 155 -35.82 -8.59 -1.83
CA ALA B 155 -37.04 -8.19 -1.17
C ALA B 155 -36.79 -7.75 0.26
N GLY B 156 -35.75 -8.30 0.89
CA GLY B 156 -35.28 -7.83 2.18
C GLY B 156 -33.80 -7.51 2.12
N ILE B 157 -33.45 -6.44 1.40
CA ILE B 157 -32.06 -6.12 1.14
C ILE B 157 -31.29 -5.78 2.41
N HIS B 158 -31.99 -5.37 3.47
CA HIS B 158 -31.30 -5.05 4.72
C HIS B 158 -30.58 -6.26 5.30
N ARG B 159 -31.03 -7.44 4.90
CA ARG B 159 -30.39 -8.68 5.39
C ARG B 159 -29.01 -8.80 4.75
N LEU B 160 -28.88 -8.39 3.48
CA LEU B 160 -27.63 -8.56 2.76
C LEU B 160 -26.53 -7.67 3.33
N PHE B 161 -26.87 -6.44 3.71
CA PHE B 161 -25.87 -5.52 4.25
C PHE B 161 -25.40 -5.89 5.64
N ALA B 162 -26.08 -6.82 6.31
CA ALA B 162 -25.65 -7.25 7.63
C ALA B 162 -24.52 -8.28 7.54
N LYS B 163 -24.65 -9.24 6.62
CA LYS B 163 -23.65 -10.29 6.42
C LYS B 163 -22.78 -10.03 5.20
N LEU B 164 -22.60 -8.77 4.82
CA LEU B 164 -21.78 -8.44 3.66
C LEU B 164 -20.30 -8.44 3.99
N ASP B 165 -19.94 -8.15 5.24
CA ASP B 165 -18.53 -8.16 5.64
C ASP B 165 -17.93 -9.55 5.50
N VAL B 166 -18.74 -10.61 5.64
CA VAL B 166 -18.24 -11.96 5.47
C VAL B 166 -18.01 -12.27 4.00
N ILE B 167 -18.83 -11.71 3.11
CA ILE B 167 -18.78 -12.05 1.70
C ILE B 167 -17.56 -11.42 1.03
N ARG B 168 -17.19 -10.20 1.45
CA ARG B 168 -16.08 -9.50 0.82
C ARG B 168 -14.77 -10.26 1.00
N GLY B 169 -14.56 -10.85 2.18
CA GLY B 169 -13.31 -11.54 2.47
C GLY B 169 -13.25 -12.96 1.95
N ALA B 170 -14.04 -13.27 0.92
CA ALA B 170 -14.07 -14.60 0.33
C ALA B 170 -13.44 -14.56 -1.05
N ARG B 171 -12.45 -15.44 -1.28
CA ARG B 171 -11.71 -15.42 -2.54
C ARG B 171 -12.62 -15.61 -3.74
N VAL B 172 -13.68 -16.39 -3.59
CA VAL B 172 -14.69 -16.56 -4.63
C VAL B 172 -16.06 -16.44 -3.97
N VAL B 173 -17.00 -15.82 -4.68
CA VAL B 173 -18.36 -15.61 -4.20
C VAL B 173 -19.33 -16.25 -5.19
N ILE B 174 -20.19 -17.13 -4.70
CA ILE B 174 -21.21 -17.78 -5.51
C ILE B 174 -22.56 -17.24 -5.08
N VAL B 175 -23.27 -16.60 -6.01
CA VAL B 175 -24.62 -16.10 -5.77
C VAL B 175 -25.60 -17.03 -6.50
N ILE B 176 -26.60 -17.50 -5.77
CA ILE B 176 -27.60 -18.41 -6.29
C ILE B 176 -28.97 -17.79 -6.05
N ALA B 177 -29.81 -17.78 -7.09
CA ALA B 177 -31.08 -17.08 -7.00
C ALA B 177 -32.07 -17.63 -8.01
N GLY B 178 -33.36 -17.44 -7.71
CA GLY B 178 -34.44 -17.76 -8.61
C GLY B 178 -35.27 -16.52 -8.93
N MET B 179 -36.31 -16.74 -9.74
CA MET B 179 -37.22 -15.68 -10.21
C MET B 179 -36.35 -14.59 -10.84
N GLU B 180 -36.53 -13.31 -10.51
CA GLU B 180 -35.56 -12.29 -10.93
C GLU B 180 -34.25 -12.52 -10.21
N GLY B 181 -33.17 -12.74 -10.98
CA GLY B 181 -31.87 -12.94 -10.37
C GLY B 181 -31.16 -11.65 -10.03
N ALA B 182 -31.94 -10.65 -9.58
CA ALA B 182 -31.40 -9.34 -9.29
C ALA B 182 -30.31 -9.39 -8.23
N LEU B 183 -30.32 -10.41 -7.37
CA LEU B 183 -29.31 -10.49 -6.31
C LEU B 183 -27.91 -10.61 -6.89
N ALA B 184 -27.75 -11.41 -7.95
CA ALA B 184 -26.44 -11.49 -8.61
C ALA B 184 -25.97 -10.12 -9.07
N SER B 185 -26.86 -9.36 -9.73
CA SER B 185 -26.48 -8.04 -10.22
C SER B 185 -26.11 -7.10 -9.07
N VAL B 186 -26.73 -7.27 -7.91
CA VAL B 186 -26.45 -6.39 -6.77
C VAL B 186 -25.11 -6.74 -6.14
N VAL B 187 -24.88 -8.02 -5.89
CA VAL B 187 -23.63 -8.43 -5.25
C VAL B 187 -22.43 -8.16 -6.16
N GLY B 188 -22.62 -8.29 -7.47
CA GLY B 188 -21.52 -8.04 -8.39
C GLY B 188 -21.02 -6.61 -8.32
N GLY B 189 -21.93 -5.66 -8.13
CA GLY B 189 -21.56 -4.26 -8.00
C GLY B 189 -21.11 -3.85 -6.62
N LEU B 190 -20.99 -4.78 -5.68
CA LEU B 190 -20.58 -4.46 -4.32
C LEU B 190 -19.38 -5.27 -3.85
N VAL B 191 -18.84 -6.17 -4.68
CA VAL B 191 -17.73 -7.03 -4.30
C VAL B 191 -16.68 -6.97 -5.39
N ASP B 192 -15.41 -6.90 -4.98
CA ASP B 192 -14.27 -6.89 -5.90
C ASP B 192 -13.65 -8.28 -6.06
N LYS B 193 -14.41 -9.34 -5.77
CA LYS B 193 -13.94 -10.70 -5.94
C LYS B 193 -14.66 -11.36 -7.11
N PRO B 194 -14.04 -12.33 -7.77
CA PRO B 194 -14.72 -13.06 -8.84
C PRO B 194 -16.00 -13.71 -8.32
N VAL B 195 -17.05 -13.65 -9.14
CA VAL B 195 -18.38 -14.09 -8.73
C VAL B 195 -18.93 -15.03 -9.79
N ILE B 196 -19.32 -16.23 -9.37
CA ILE B 196 -20.01 -17.19 -10.22
C ILE B 196 -21.48 -17.17 -9.83
N ALA B 197 -22.35 -16.77 -10.76
CA ALA B 197 -23.78 -16.73 -10.51
C ALA B 197 -24.43 -18.04 -10.95
N VAL B 198 -25.47 -18.44 -10.22
CA VAL B 198 -26.19 -19.67 -10.49
C VAL B 198 -27.68 -19.38 -10.51
N PRO B 199 -28.37 -19.60 -11.64
CA PRO B 199 -29.83 -19.52 -11.63
C PRO B 199 -30.42 -20.84 -11.19
N THR B 200 -31.66 -20.77 -10.67
CA THR B 200 -32.33 -21.93 -10.15
C THR B 200 -33.62 -22.20 -10.92
N SER B 201 -33.99 -23.48 -10.99
CA SER B 201 -35.29 -23.85 -11.55
C SER B 201 -36.45 -23.48 -10.65
N VAL B 202 -36.19 -22.87 -9.49
CA VAL B 202 -37.24 -22.34 -8.63
C VAL B 202 -38.06 -21.37 -9.46
N GLY B 203 -39.24 -21.79 -9.89
CA GLY B 203 -39.96 -21.08 -10.93
C GLY B 203 -41.46 -21.30 -10.79
N TYR B 204 -42.21 -20.39 -11.40
CA TYR B 204 -43.64 -20.54 -11.60
C TYR B 204 -44.09 -19.48 -12.60
N GLY B 205 -44.92 -19.90 -13.54
CA GLY B 205 -45.43 -18.98 -14.55
C GLY B 205 -44.39 -18.45 -15.50
N THR B 206 -43.94 -17.21 -15.28
CA THR B 206 -43.04 -16.55 -16.20
C THR B 206 -41.57 -16.89 -15.95
N SER B 207 -41.25 -17.47 -14.80
CA SER B 207 -39.85 -17.74 -14.48
C SER B 207 -39.24 -18.79 -15.40
N PHE B 208 -40.06 -19.66 -15.98
CA PHE B 208 -39.64 -20.58 -17.05
C PHE B 208 -38.49 -21.48 -16.60
N GLN B 209 -38.73 -22.19 -15.51
CA GLN B 209 -37.73 -23.10 -14.93
C GLN B 209 -36.39 -22.39 -14.71
N GLY B 210 -36.45 -21.10 -14.41
CA GLY B 210 -35.25 -20.31 -14.19
C GLY B 210 -34.63 -19.73 -15.44
N MET B 211 -35.30 -19.82 -16.59
CA MET B 211 -34.74 -19.26 -17.82
C MET B 211 -34.62 -17.75 -17.75
N THR B 212 -35.55 -17.07 -17.06
CA THR B 212 -35.43 -15.63 -16.90
C THR B 212 -34.30 -15.27 -15.94
N ALA B 213 -34.05 -16.10 -14.93
CA ALA B 213 -32.94 -15.81 -14.02
C ALA B 213 -31.60 -15.95 -14.72
N LEU B 214 -31.51 -16.83 -15.71
CA LEU B 214 -30.30 -16.93 -16.50
C LEU B 214 -30.05 -15.66 -17.31
N LEU B 215 -31.12 -15.12 -17.91
CA LEU B 215 -30.97 -13.91 -18.72
C LEU B 215 -30.68 -12.69 -17.85
N THR B 216 -31.15 -12.68 -16.60
CA THR B 216 -30.88 -11.56 -15.71
C THR B 216 -29.41 -11.46 -15.36
N MET B 217 -28.83 -12.55 -14.85
CA MET B 217 -27.44 -12.54 -14.42
C MET B 217 -26.50 -12.42 -15.61
N LEU B 218 -26.94 -12.85 -16.80
CA LEU B 218 -26.14 -12.65 -18.00
C LEU B 218 -26.10 -11.18 -18.40
N ASN B 219 -27.22 -10.46 -18.23
CA ASN B 219 -27.27 -9.04 -18.56
C ASN B 219 -26.73 -8.20 -17.41
N SER B 220 -25.77 -8.75 -16.67
CA SER B 220 -25.10 -8.01 -15.61
C SER B 220 -23.75 -8.65 -15.29
N CYS B 221 -23.11 -9.26 -16.29
CA CYS B 221 -21.87 -9.99 -16.13
C CYS B 221 -20.65 -9.15 -16.49
N ALA B 222 -20.73 -7.83 -16.32
CA ALA B 222 -19.61 -6.94 -16.50
C ALA B 222 -19.04 -6.42 -15.19
N SER B 223 -19.59 -6.87 -14.05
CA SER B 223 -19.15 -6.44 -12.73
C SER B 223 -18.38 -7.54 -12.01
N GLY B 224 -17.64 -8.36 -12.77
CA GLY B 224 -16.99 -9.53 -12.21
C GLY B 224 -17.88 -10.74 -12.11
N ILE B 225 -19.03 -10.74 -12.78
CA ILE B 225 -19.97 -11.85 -12.74
C ILE B 225 -19.68 -12.78 -13.91
N THR B 226 -19.66 -14.08 -13.64
CA THR B 226 -19.68 -15.09 -14.68
C THR B 226 -20.86 -16.02 -14.40
N VAL B 227 -21.59 -16.36 -15.44
CA VAL B 227 -22.85 -17.09 -15.32
C VAL B 227 -22.61 -18.58 -15.57
N VAL B 228 -23.33 -19.41 -14.84
CA VAL B 228 -23.25 -20.86 -14.98
C VAL B 228 -24.65 -21.38 -15.29
N ASN B 229 -24.74 -22.67 -15.65
CA ASN B 229 -25.98 -23.25 -16.10
C ASN B 229 -27.04 -23.26 -14.98
N ILE B 230 -28.30 -23.44 -15.40
CA ILE B 230 -29.40 -23.50 -14.45
C ILE B 230 -29.25 -24.75 -13.59
N ASP B 231 -29.48 -24.59 -12.28
CA ASP B 231 -29.38 -25.66 -11.29
C ASP B 231 -27.97 -26.25 -11.22
N ASN B 232 -26.98 -25.60 -11.82
CA ASN B 232 -25.64 -26.16 -11.94
C ASN B 232 -24.76 -25.68 -10.77
N GLY B 233 -25.19 -26.04 -9.56
CA GLY B 233 -24.38 -25.74 -8.39
C GLY B 233 -23.03 -26.41 -8.43
N PHE B 234 -22.94 -27.59 -9.04
CA PHE B 234 -21.68 -28.32 -9.11
C PHE B 234 -20.65 -27.54 -9.92
N GLY B 235 -20.95 -27.29 -11.21
CA GLY B 235 -20.01 -26.60 -12.07
C GLY B 235 -19.58 -25.25 -11.54
N ALA B 236 -20.48 -24.56 -10.82
CA ALA B 236 -20.10 -23.32 -10.17
C ALA B 236 -19.01 -23.56 -9.13
N ALA B 237 -19.20 -24.59 -8.29
CA ALA B 237 -18.19 -24.91 -7.28
C ALA B 237 -17.01 -25.66 -7.85
N TYR B 238 -17.17 -26.32 -9.00
CA TYR B 238 -16.01 -26.85 -9.71
C TYR B 238 -15.09 -25.71 -10.15
N SER B 239 -15.65 -24.66 -10.73
CA SER B 239 -14.86 -23.52 -11.15
C SER B 239 -14.35 -22.73 -9.96
N ALA B 240 -15.24 -22.46 -8.99
CA ALA B 240 -14.84 -21.73 -7.79
C ALA B 240 -13.75 -22.42 -7.00
N SER B 241 -13.60 -23.74 -7.18
CA SER B 241 -12.55 -24.46 -6.47
C SER B 241 -11.19 -24.19 -7.10
N MET B 242 -11.10 -24.25 -8.43
CA MET B 242 -9.85 -23.96 -9.12
C MET B 242 -9.40 -22.52 -8.86
N VAL B 243 -10.35 -21.58 -8.85
CA VAL B 243 -10.02 -20.18 -8.62
C VAL B 243 -9.50 -19.98 -7.21
N ASN B 244 -10.06 -20.71 -6.24
CA ASN B 244 -9.63 -20.55 -4.86
C ASN B 244 -8.23 -21.10 -4.62
N GLN B 245 -7.91 -22.22 -5.26
CA GLN B 245 -6.64 -22.92 -4.99
C GLN B 245 -5.57 -22.39 -5.93
N MET B 246 -4.99 -21.26 -5.55
CA MET B 246 -3.90 -20.64 -6.31
C MET B 246 -2.89 -19.99 -5.38
N ASN C 46 -9.91 -2.40 -6.53
CA ASN C 46 -8.80 -1.64 -5.98
C ASN C 46 -7.56 -1.76 -6.86
N GLY C 47 -7.29 -0.71 -7.63
CA GLY C 47 -6.18 -0.69 -8.56
C GLY C 47 -6.57 -0.92 -10.00
N PHE C 48 -7.83 -1.27 -10.25
CA PHE C 48 -8.27 -1.51 -11.62
C PHE C 48 -8.31 -0.21 -12.40
N PRO C 49 -7.81 -0.18 -13.63
CA PRO C 49 -7.95 1.03 -14.46
C PRO C 49 -9.42 1.31 -14.76
N GLU C 50 -9.69 2.56 -15.12
CA GLU C 50 -11.03 2.99 -15.45
C GLU C 50 -11.31 2.79 -16.94
N VAL C 51 -12.57 2.49 -17.26
CA VAL C 51 -12.98 2.21 -18.63
C VAL C 51 -14.24 3.02 -18.95
N ILE C 52 -14.35 3.43 -20.21
CA ILE C 52 -15.52 4.15 -20.71
C ILE C 52 -16.17 3.32 -21.80
N TYR C 53 -17.49 3.47 -21.94
CA TYR C 53 -18.26 2.77 -22.97
C TYR C 53 -18.42 3.72 -24.16
N GLY C 54 -17.62 3.49 -25.21
CA GLY C 54 -17.57 4.40 -26.34
C GLY C 54 -18.77 4.33 -27.26
N ALA C 55 -19.53 3.24 -27.21
CA ALA C 55 -20.70 3.07 -28.07
C ALA C 55 -21.95 3.71 -27.49
N GLY C 56 -21.81 4.77 -26.71
CA GLY C 56 -22.90 5.45 -26.04
C GLY C 56 -23.34 6.67 -26.84
N LYS C 57 -22.80 7.83 -26.49
CA LYS C 57 -23.21 9.10 -27.06
C LYS C 57 -22.05 9.68 -27.88
N THR C 58 -22.02 11.00 -28.02
CA THR C 58 -21.20 11.68 -29.02
C THR C 58 -19.71 11.46 -28.76
N ALA C 59 -18.91 11.80 -29.78
CA ALA C 59 -17.47 11.57 -29.75
C ALA C 59 -16.72 12.55 -28.86
N THR C 60 -17.28 13.75 -28.63
CA THR C 60 -16.61 14.73 -27.79
C THR C 60 -16.91 14.56 -26.30
N GLN C 61 -18.03 13.92 -25.95
CA GLN C 61 -18.30 13.63 -24.56
C GLN C 61 -17.32 12.62 -23.97
N ILE C 62 -16.66 11.83 -24.82
CA ILE C 62 -15.63 10.91 -24.34
C ILE C 62 -14.48 11.69 -23.71
N VAL C 63 -13.97 12.70 -24.42
CA VAL C 63 -12.89 13.53 -23.89
C VAL C 63 -13.38 14.50 -22.83
N GLY C 64 -14.69 14.71 -22.72
CA GLY C 64 -15.21 15.56 -21.66
C GLY C 64 -15.14 14.93 -20.29
N ILE C 65 -15.24 13.59 -20.23
CA ILE C 65 -15.11 12.87 -18.97
C ILE C 65 -13.72 12.26 -18.80
N VAL C 66 -12.99 12.03 -19.90
CA VAL C 66 -11.62 11.55 -19.75
C VAL C 66 -10.72 12.69 -19.27
N GLN C 67 -11.09 13.94 -19.55
CA GLN C 67 -10.40 15.08 -18.99
C GLN C 67 -10.74 15.28 -17.52
N ALA C 68 -11.91 14.79 -17.09
CA ALA C 68 -12.30 14.89 -15.69
C ALA C 68 -11.41 14.05 -14.78
N LEU C 69 -10.72 13.05 -15.33
CA LEU C 69 -9.73 12.28 -14.58
C LEU C 69 -8.45 13.11 -14.55
N SER C 70 -8.24 13.80 -13.42
CA SER C 70 -7.15 14.77 -13.29
C SER C 70 -5.79 14.14 -13.54
N GLN C 71 -5.33 13.29 -12.63
CA GLN C 71 -3.99 12.71 -12.76
C GLN C 71 -3.87 11.38 -12.03
N GLN C 72 -4.98 10.65 -11.92
CA GLN C 72 -4.92 9.29 -11.36
C GLN C 72 -4.06 8.42 -12.28
N THR C 73 -2.79 8.22 -11.90
CA THR C 73 -1.82 7.56 -12.77
C THR C 73 -2.13 6.09 -12.98
N LEU C 74 -3.31 5.79 -13.51
CA LEU C 74 -3.68 4.46 -13.95
C LEU C 74 -4.14 4.57 -15.39
N PRO C 75 -3.68 3.69 -16.29
CA PRO C 75 -4.05 3.84 -17.70
C PRO C 75 -5.55 3.84 -17.89
N ILE C 76 -6.00 4.57 -18.92
CA ILE C 76 -7.42 4.76 -19.19
C ILE C 76 -7.78 4.00 -20.46
N LEU C 77 -8.94 3.34 -20.43
CA LEU C 77 -9.38 2.49 -21.52
C LEU C 77 -10.79 2.92 -21.95
N THR C 78 -11.07 2.74 -23.25
CA THR C 78 -12.39 3.03 -23.81
C THR C 78 -12.74 1.90 -24.78
N THR C 79 -13.88 1.26 -24.54
CA THR C 79 -14.28 0.07 -25.28
C THR C 79 -15.34 0.37 -26.32
N ARG C 80 -15.34 -0.42 -27.39
CA ARG C 80 -16.39 -0.42 -28.41
C ARG C 80 -16.61 0.97 -29.01
N LEU C 81 -15.50 1.65 -29.31
CA LEU C 81 -15.56 2.96 -29.95
C LEU C 81 -15.30 2.81 -31.44
N SER C 82 -16.11 3.48 -32.25
CA SER C 82 -16.00 3.34 -33.70
C SER C 82 -14.68 3.90 -34.20
N ALA C 83 -14.19 3.32 -35.30
CA ALA C 83 -13.01 3.87 -35.95
C ALA C 83 -13.22 5.31 -36.38
N GLU C 84 -14.46 5.67 -36.72
CA GLU C 84 -14.77 7.07 -36.96
C GLU C 84 -14.84 7.85 -35.66
N LYS C 85 -15.30 7.21 -34.58
CA LYS C 85 -15.35 7.88 -33.29
C LYS C 85 -13.95 8.18 -32.76
N PHE C 86 -12.95 7.40 -33.20
CA PHE C 86 -11.57 7.73 -32.86
C PHE C 86 -11.09 8.93 -33.66
N ALA C 87 -11.23 8.88 -34.99
CA ALA C 87 -10.76 9.99 -35.82
C ALA C 87 -11.50 11.28 -35.53
N ALA C 88 -12.74 11.19 -35.04
CA ALA C 88 -13.50 12.38 -34.69
C ALA C 88 -13.04 13.03 -33.40
N LEU C 89 -11.96 12.52 -32.81
CA LEU C 89 -11.41 13.11 -31.59
C LEU C 89 -9.92 12.79 -31.49
N GLN C 90 -9.40 12.01 -32.44
CA GLN C 90 -8.00 11.61 -32.44
C GLN C 90 -7.02 12.76 -32.23
N PRO C 91 -7.17 13.94 -32.87
CA PRO C 91 -6.18 15.01 -32.62
C PRO C 91 -6.16 15.51 -31.18
N ALA C 92 -7.22 15.26 -30.41
CA ALA C 92 -7.27 15.73 -29.03
C ALA C 92 -6.44 14.87 -28.08
N LEU C 93 -6.00 13.69 -28.51
CA LEU C 93 -5.23 12.79 -27.66
C LEU C 93 -3.95 12.38 -28.37
N PRO C 94 -2.81 12.99 -28.02
CA PRO C 94 -1.55 12.59 -28.65
C PRO C 94 -0.96 11.32 -28.05
N THR C 95 -1.27 11.06 -26.78
CA THR C 95 -0.75 9.90 -26.07
C THR C 95 -1.67 8.70 -26.13
N ALA C 96 -2.61 8.68 -27.07
CA ALA C 96 -3.59 7.61 -27.19
C ALA C 96 -3.19 6.64 -28.29
N VAL C 97 -3.39 5.35 -28.02
CA VAL C 97 -3.10 4.28 -28.97
C VAL C 97 -4.39 3.54 -29.25
N TYR C 98 -4.80 3.51 -30.51
CA TYR C 98 -6.03 2.84 -30.93
C TYR C 98 -5.71 1.50 -31.57
N HIS C 99 -6.52 0.49 -31.28
CA HIS C 99 -6.39 -0.83 -31.86
C HIS C 99 -7.56 -1.07 -32.80
N ALA C 100 -7.25 -1.17 -34.11
CA ALA C 100 -8.31 -1.30 -35.10
C ALA C 100 -9.12 -2.56 -34.90
N THR C 101 -8.44 -3.70 -34.72
CA THR C 101 -9.14 -4.96 -34.55
C THR C 101 -9.93 -4.97 -33.23
N ALA C 102 -9.38 -4.35 -32.19
CA ALA C 102 -10.00 -4.41 -30.87
C ALA C 102 -11.06 -3.34 -30.65
N GLN C 103 -11.11 -2.31 -31.51
CA GLN C 103 -12.06 -1.20 -31.36
C GLN C 103 -11.89 -0.50 -30.01
N CYS C 104 -10.66 -0.42 -29.53
CA CYS C 104 -10.39 0.16 -28.21
C CYS C 104 -9.19 1.10 -28.30
N MET C 105 -9.05 1.94 -27.28
CA MET C 105 -7.95 2.88 -27.19
C MET C 105 -7.43 2.91 -25.76
N THR C 106 -6.13 3.11 -25.62
CA THR C 106 -5.46 3.20 -24.33
C THR C 106 -4.73 4.53 -24.23
N VAL C 107 -4.89 5.21 -23.10
CA VAL C 107 -4.25 6.49 -22.84
C VAL C 107 -3.35 6.29 -21.62
N GLY C 108 -2.05 6.17 -21.85
CA GLY C 108 -1.10 5.95 -20.77
C GLY C 108 -0.02 4.97 -21.14
N GLU C 109 0.95 4.78 -20.26
CA GLU C 109 2.03 3.84 -20.51
C GLU C 109 1.55 2.40 -20.37
N GLN C 110 2.23 1.50 -21.05
CA GLN C 110 1.89 0.08 -20.95
C GLN C 110 2.15 -0.41 -19.53
N PRO C 111 1.14 -0.88 -18.82
CA PRO C 111 1.33 -1.29 -17.42
C PRO C 111 2.21 -2.53 -17.35
N ALA C 112 3.18 -2.50 -16.44
CA ALA C 112 4.06 -3.65 -16.25
C ALA C 112 3.26 -4.83 -15.71
N PRO C 113 3.63 -6.07 -16.11
CA PRO C 113 2.92 -7.25 -15.59
C PRO C 113 2.99 -7.34 -14.08
N LYS C 114 1.89 -6.98 -13.40
CA LYS C 114 1.87 -6.97 -11.94
C LYS C 114 2.02 -8.38 -11.37
N THR C 115 1.51 -9.39 -12.07
CA THR C 115 1.63 -10.77 -11.64
C THR C 115 2.37 -11.58 -12.71
N PRO C 116 3.41 -12.32 -12.34
CA PRO C 116 4.21 -13.03 -13.36
C PRO C 116 3.49 -14.25 -13.94
N GLY C 117 2.20 -14.11 -14.24
CA GLY C 117 1.46 -15.15 -14.93
C GLY C 117 0.77 -14.56 -16.14
N TYR C 118 0.35 -15.46 -17.04
CA TYR C 118 -0.27 -15.05 -18.29
C TYR C 118 -1.62 -15.75 -18.45
N ILE C 119 -2.59 -15.01 -18.98
CA ILE C 119 -3.88 -15.56 -19.37
C ILE C 119 -3.86 -15.79 -20.87
N ALA C 120 -4.56 -16.83 -21.32
CA ALA C 120 -4.52 -17.25 -22.72
C ALA C 120 -5.86 -16.94 -23.38
N VAL C 121 -5.82 -16.13 -24.42
CA VAL C 121 -7.03 -15.74 -25.17
C VAL C 121 -7.07 -16.61 -26.41
N VAL C 122 -7.96 -17.60 -26.41
CA VAL C 122 -8.13 -18.49 -27.56
C VAL C 122 -9.39 -18.08 -28.30
N THR C 123 -9.42 -18.36 -29.60
CA THR C 123 -10.57 -18.03 -30.43
C THR C 123 -10.84 -19.17 -31.40
N ALA C 124 -12.12 -19.35 -31.75
CA ALA C 124 -12.50 -20.45 -32.62
C ALA C 124 -12.07 -20.18 -34.07
N GLY C 125 -12.55 -19.07 -34.64
CA GLY C 125 -12.24 -18.72 -36.01
C GLY C 125 -11.62 -17.34 -36.10
N THR C 126 -11.14 -17.01 -37.31
CA THR C 126 -10.54 -15.70 -37.53
C THR C 126 -11.56 -14.58 -37.50
N SER C 127 -12.85 -14.88 -37.67
CA SER C 127 -13.89 -13.87 -37.62
C SER C 127 -14.23 -13.43 -36.21
N ASP C 128 -13.68 -14.10 -35.19
CA ASP C 128 -13.88 -13.70 -33.81
C ASP C 128 -12.70 -12.89 -33.26
N GLN C 129 -11.78 -12.48 -34.13
CA GLN C 129 -10.65 -11.67 -33.69
C GLN C 129 -11.06 -10.35 -33.04
N PRO C 130 -12.11 -9.62 -33.49
CA PRO C 130 -12.48 -8.37 -32.80
C PRO C 130 -12.76 -8.55 -31.31
N VAL C 131 -13.71 -9.43 -30.98
CA VAL C 131 -14.04 -9.66 -29.57
C VAL C 131 -12.85 -10.26 -28.84
N ALA C 132 -12.06 -11.10 -29.52
CA ALA C 132 -10.88 -11.70 -28.89
C ALA C 132 -9.88 -10.62 -28.49
N GLU C 133 -9.56 -9.71 -29.42
CA GLU C 133 -8.61 -8.64 -29.10
C GLU C 133 -9.20 -7.65 -28.09
N GLU C 134 -10.52 -7.50 -28.07
CA GLU C 134 -11.15 -6.65 -27.05
C GLU C 134 -10.89 -7.20 -25.65
N ALA C 135 -10.90 -8.53 -25.51
CA ALA C 135 -10.60 -9.14 -24.22
C ALA C 135 -9.12 -9.17 -23.93
N ALA C 136 -8.28 -9.29 -24.96
CA ALA C 136 -6.85 -9.48 -24.75
C ALA C 136 -6.21 -8.23 -24.15
N VAL C 137 -6.27 -7.10 -24.87
CA VAL C 137 -5.63 -5.87 -24.38
C VAL C 137 -6.31 -5.35 -23.13
N THR C 138 -7.60 -5.68 -22.93
CA THR C 138 -8.24 -5.34 -21.66
C THR C 138 -7.55 -6.04 -20.49
N ALA C 139 -7.26 -7.34 -20.65
CA ALA C 139 -6.50 -8.04 -19.63
C ALA C 139 -5.08 -7.51 -19.51
N GLU C 140 -4.49 -7.05 -20.63
CA GLU C 140 -3.16 -6.46 -20.59
C GLU C 140 -3.16 -5.11 -19.88
N THR C 141 -4.24 -4.33 -20.04
CA THR C 141 -4.32 -3.04 -19.37
C THR C 141 -4.35 -3.19 -17.86
N PHE C 142 -5.00 -4.25 -17.35
CA PHE C 142 -5.04 -4.50 -15.92
C PHE C 142 -3.70 -4.92 -15.35
N GLY C 143 -2.70 -5.19 -16.20
CA GLY C 143 -1.37 -5.50 -15.71
C GLY C 143 -1.05 -6.98 -15.60
N ASN C 144 -1.57 -7.78 -16.53
CA ASN C 144 -1.26 -9.20 -16.59
C ASN C 144 -1.00 -9.60 -18.03
N ARG C 145 0.03 -10.42 -18.23
CA ARG C 145 0.40 -10.83 -19.58
C ARG C 145 -0.68 -11.69 -20.21
N VAL C 146 -0.77 -11.62 -21.54
CA VAL C 146 -1.69 -12.46 -22.30
C VAL C 146 -0.90 -13.20 -23.37
N GLU C 147 -1.42 -14.34 -23.79
CA GLU C 147 -0.83 -15.15 -24.84
C GLU C 147 -1.91 -15.49 -25.85
N ARG C 148 -1.85 -14.89 -27.03
CA ARG C 148 -2.89 -15.07 -28.04
C ARG C 148 -2.71 -16.41 -28.74
N VAL C 149 -3.78 -17.22 -28.76
CA VAL C 149 -3.80 -18.49 -29.48
C VAL C 149 -5.01 -18.42 -30.41
N TYR C 150 -4.78 -17.97 -31.63
CA TYR C 150 -5.86 -17.76 -32.59
C TYR C 150 -5.89 -18.88 -33.63
N ASP C 151 -7.03 -18.99 -34.32
CA ASP C 151 -7.25 -19.96 -35.39
C ASP C 151 -7.03 -21.39 -34.87
N VAL C 152 -7.93 -21.80 -33.98
CA VAL C 152 -7.86 -23.11 -33.35
C VAL C 152 -9.25 -23.70 -33.23
N GLY C 153 -9.91 -23.94 -34.36
CA GLY C 153 -11.25 -24.47 -34.35
C GLY C 153 -11.30 -25.96 -34.11
N VAL C 154 -12.52 -26.47 -33.91
CA VAL C 154 -12.70 -27.89 -33.66
C VAL C 154 -12.63 -28.71 -34.94
N ALA C 155 -12.84 -28.10 -36.10
CA ALA C 155 -12.67 -28.83 -37.36
C ALA C 155 -11.22 -29.18 -37.58
N GLY C 156 -10.32 -28.21 -37.42
CA GLY C 156 -8.90 -28.48 -37.43
C GLY C 156 -8.37 -28.69 -36.03
N ILE C 157 -8.80 -29.79 -35.40
CA ILE C 157 -8.42 -30.07 -34.02
C ILE C 157 -6.92 -30.25 -33.87
N HIS C 158 -6.21 -30.54 -34.97
CA HIS C 158 -4.76 -30.64 -34.89
C HIS C 158 -4.13 -29.31 -34.52
N ARG C 159 -4.82 -28.20 -34.82
CA ARG C 159 -4.34 -26.89 -34.41
C ARG C 159 -4.39 -26.72 -32.90
N LEU C 160 -5.35 -27.38 -32.24
CA LEU C 160 -5.49 -27.26 -30.80
C LEU C 160 -4.40 -28.03 -30.05
N PHE C 161 -4.11 -29.26 -30.50
CA PHE C 161 -3.08 -30.05 -29.83
C PHE C 161 -1.68 -29.51 -30.10
N ALA C 162 -1.50 -28.72 -31.16
CA ALA C 162 -0.20 -28.10 -31.40
C ALA C 162 0.07 -26.98 -30.40
N LYS C 163 -0.97 -26.22 -30.05
CA LYS C 163 -0.85 -25.12 -29.10
C LYS C 163 -1.42 -25.46 -27.73
N LEU C 164 -1.65 -26.75 -27.46
CA LEU C 164 -2.21 -27.13 -26.16
C LEU C 164 -1.22 -26.89 -25.03
N ASP C 165 0.09 -26.94 -25.32
CA ASP C 165 1.09 -26.68 -24.29
C ASP C 165 1.03 -25.26 -23.77
N VAL C 166 0.69 -24.30 -24.63
CA VAL C 166 0.55 -22.91 -24.19
C VAL C 166 -0.67 -22.75 -23.30
N ILE C 167 -1.79 -23.38 -23.67
CA ILE C 167 -3.02 -23.19 -22.92
C ILE C 167 -2.91 -23.81 -21.53
N ARG C 168 -2.29 -24.98 -21.42
CA ARG C 168 -2.27 -25.71 -20.16
C ARG C 168 -1.51 -24.95 -19.07
N GLY C 169 -0.55 -24.11 -19.46
CA GLY C 169 0.28 -23.42 -18.50
C GLY C 169 -0.16 -22.00 -18.18
N ALA C 170 -1.41 -21.67 -18.45
CA ALA C 170 -1.94 -20.35 -18.18
C ALA C 170 -2.80 -20.38 -16.93
N ARG C 171 -2.80 -19.27 -16.19
CA ARG C 171 -3.59 -19.17 -14.98
C ARG C 171 -5.08 -19.29 -15.29
N VAL C 172 -5.57 -18.48 -16.23
CA VAL C 172 -6.95 -18.55 -16.71
C VAL C 172 -6.91 -18.49 -18.22
N VAL C 173 -7.89 -19.15 -18.86
CA VAL C 173 -8.03 -19.13 -20.30
C VAL C 173 -9.40 -18.57 -20.66
N ILE C 174 -9.45 -17.77 -21.71
CA ILE C 174 -10.69 -17.25 -22.27
C ILE C 174 -10.93 -17.93 -23.60
N VAL C 175 -12.18 -18.28 -23.88
CA VAL C 175 -12.54 -19.00 -25.09
C VAL C 175 -13.62 -18.22 -25.82
N ILE C 176 -13.25 -17.62 -26.95
CA ILE C 176 -14.19 -16.92 -27.82
C ILE C 176 -14.62 -17.86 -28.93
N ALA C 177 -15.90 -17.85 -29.27
CA ALA C 177 -16.41 -18.74 -30.30
C ALA C 177 -17.72 -18.20 -30.85
N GLY C 178 -18.06 -18.64 -32.06
CA GLY C 178 -19.30 -18.28 -32.69
C GLY C 178 -19.96 -19.50 -33.31
N MET C 179 -21.23 -19.33 -33.70
CA MET C 179 -22.05 -20.40 -34.27
C MET C 179 -22.10 -21.52 -33.24
N GLU C 180 -21.64 -22.73 -33.55
CA GLU C 180 -21.55 -23.79 -32.57
C GLU C 180 -20.30 -23.58 -31.73
N GLY C 181 -20.48 -23.15 -30.49
CA GLY C 181 -19.36 -22.86 -29.61
C GLY C 181 -18.74 -24.11 -29.01
N ALA C 182 -18.61 -25.16 -29.83
CA ALA C 182 -18.11 -26.44 -29.34
C ALA C 182 -16.68 -26.36 -28.84
N LEU C 183 -15.95 -25.31 -29.20
CA LEU C 183 -14.55 -25.21 -28.81
C LEU C 183 -14.40 -25.16 -27.29
N ALA C 184 -15.33 -24.50 -26.60
CA ALA C 184 -15.26 -24.44 -25.15
C ALA C 184 -15.40 -25.83 -24.54
N SER C 185 -16.31 -26.65 -25.06
CA SER C 185 -16.43 -28.03 -24.59
C SER C 185 -15.13 -28.79 -24.77
N VAL C 186 -14.41 -28.51 -25.85
CA VAL C 186 -13.15 -29.21 -26.11
C VAL C 186 -12.08 -28.77 -25.12
N VAL C 187 -11.84 -27.46 -25.03
CA VAL C 187 -10.77 -26.97 -24.16
C VAL C 187 -11.10 -27.22 -22.70
N GLY C 188 -12.39 -27.29 -22.35
CA GLY C 188 -12.76 -27.58 -20.98
C GLY C 188 -12.29 -28.95 -20.53
N GLY C 189 -12.48 -29.96 -21.38
CA GLY C 189 -12.08 -31.32 -21.07
C GLY C 189 -10.63 -31.60 -21.30
N LEU C 190 -9.86 -30.61 -21.73
CA LEU C 190 -8.44 -30.76 -21.97
C LEU C 190 -7.56 -30.02 -20.98
N VAL C 191 -8.09 -29.02 -20.28
CA VAL C 191 -7.30 -28.22 -19.35
C VAL C 191 -7.91 -28.30 -17.97
N ASP C 192 -7.06 -28.21 -16.95
CA ASP C 192 -7.50 -28.19 -15.56
C ASP C 192 -7.28 -26.81 -14.97
N LYS C 193 -7.77 -25.78 -15.64
CA LYS C 193 -7.58 -24.39 -15.25
C LYS C 193 -8.91 -23.67 -15.39
N PRO C 194 -9.08 -22.54 -14.69
CA PRO C 194 -10.32 -21.76 -14.84
C PRO C 194 -10.50 -21.29 -16.27
N VAL C 195 -11.73 -21.40 -16.76
CA VAL C 195 -12.07 -21.04 -18.13
C VAL C 195 -13.23 -20.05 -18.09
N ILE C 196 -13.13 -19.01 -18.91
CA ILE C 196 -14.22 -18.06 -19.13
C ILE C 196 -14.64 -18.18 -20.58
N ALA C 197 -15.90 -18.57 -20.81
CA ALA C 197 -16.43 -18.75 -22.15
C ALA C 197 -17.24 -17.52 -22.55
N VAL C 198 -17.12 -17.12 -23.81
CA VAL C 198 -17.78 -15.91 -24.30
C VAL C 198 -18.20 -16.08 -25.75
N PRO C 199 -19.49 -16.02 -26.05
CA PRO C 199 -19.94 -16.21 -27.44
C PRO C 199 -19.70 -14.96 -28.29
N THR C 200 -19.64 -15.18 -29.60
CA THR C 200 -19.50 -14.11 -30.57
C THR C 200 -20.85 -13.86 -31.24
N SER C 201 -21.14 -12.59 -31.53
CA SER C 201 -22.46 -12.22 -32.04
C SER C 201 -22.67 -12.76 -33.45
N VAL C 202 -21.86 -12.29 -34.40
CA VAL C 202 -22.08 -12.59 -35.81
C VAL C 202 -21.83 -14.07 -36.09
N GLY C 203 -22.77 -14.71 -36.77
CA GLY C 203 -22.66 -16.09 -37.22
C GLY C 203 -23.76 -16.33 -38.25
N TYR C 204 -23.99 -17.60 -38.58
CA TYR C 204 -24.87 -17.96 -39.70
C TYR C 204 -26.34 -17.92 -39.29
N GLY C 205 -27.19 -18.59 -40.08
CA GLY C 205 -28.63 -18.37 -39.95
C GLY C 205 -29.26 -18.93 -38.69
N THR C 206 -28.71 -20.01 -38.15
CA THR C 206 -29.32 -20.69 -37.01
C THR C 206 -28.66 -20.32 -35.68
N SER C 207 -27.51 -19.64 -35.71
CA SER C 207 -26.90 -19.19 -34.47
C SER C 207 -27.75 -18.18 -33.70
N PHE C 208 -28.76 -17.59 -34.35
CA PHE C 208 -29.66 -16.61 -33.72
C PHE C 208 -28.86 -15.46 -33.09
N GLN C 209 -27.97 -14.88 -33.90
CA GLN C 209 -27.11 -13.78 -33.46
C GLN C 209 -26.29 -14.17 -32.24
N GLY C 210 -25.86 -15.43 -32.19
CA GLY C 210 -25.02 -15.91 -31.10
C GLY C 210 -25.77 -16.53 -29.94
N MET C 211 -27.05 -16.84 -30.10
CA MET C 211 -27.79 -17.48 -29.01
C MET C 211 -27.41 -18.95 -28.89
N THR C 212 -27.35 -19.67 -30.02
CA THR C 212 -26.96 -21.07 -30.01
C THR C 212 -25.63 -21.27 -29.32
N ALA C 213 -24.64 -20.45 -29.68
CA ALA C 213 -23.33 -20.51 -29.02
C ALA C 213 -23.47 -20.37 -27.52
N LEU C 214 -24.37 -19.49 -27.07
CA LEU C 214 -24.54 -19.27 -25.63
C LEU C 214 -25.02 -20.53 -24.93
N LEU C 215 -26.09 -21.16 -25.46
CA LEU C 215 -26.58 -22.39 -24.87
C LEU C 215 -25.56 -23.52 -24.99
N THR C 216 -24.73 -23.49 -26.03
CA THR C 216 -23.73 -24.54 -26.21
C THR C 216 -22.69 -24.50 -25.10
N MET C 217 -22.15 -23.31 -24.81
CA MET C 217 -21.18 -23.17 -23.73
C MET C 217 -21.81 -23.32 -22.36
N LEU C 218 -23.12 -23.07 -22.24
CA LEU C 218 -23.78 -23.22 -20.94
C LEU C 218 -23.99 -24.69 -20.59
N ASN C 219 -24.45 -25.48 -21.56
N ASN C 219 -24.37 -25.51 -21.57
CA ASN C 219 -24.58 -26.92 -21.37
CA ASN C 219 -24.70 -26.90 -21.26
C ASN C 219 -23.24 -27.64 -21.50
C ASN C 219 -23.47 -27.78 -21.05
N SER C 220 -22.18 -27.02 -21.00
N SER C 220 -22.32 -27.42 -21.60
CA SER C 220 -20.86 -27.63 -21.05
CA SER C 220 -21.07 -28.12 -21.30
C SER C 220 -20.83 -28.87 -20.17
C SER C 220 -20.32 -27.34 -20.22
N CYS C 221 -20.39 -29.98 -20.76
N CYS C 221 -20.82 -27.46 -18.99
CA CYS C 221 -20.18 -31.24 -20.06
CA CYS C 221 -20.43 -26.57 -17.91
C CYS C 221 -18.79 -31.31 -19.48
C CYS C 221 -19.75 -27.25 -16.73
N ALA C 222 -17.80 -30.87 -20.26
N ALA C 222 -19.67 -28.58 -16.72
CA ALA C 222 -16.46 -30.64 -19.74
CA ALA C 222 -19.13 -29.29 -15.55
C ALA C 222 -16.52 -29.51 -18.72
C ALA C 222 -17.69 -29.73 -15.77
N SER C 223 -16.02 -29.77 -17.52
N SER C 223 -16.89 -28.86 -16.37
CA SER C 223 -16.23 -28.85 -16.40
CA SER C 223 -15.45 -29.09 -16.51
C SER C 223 -15.26 -27.67 -16.41
C SER C 223 -14.67 -27.83 -16.18
N GLY C 224 -15.17 -27.00 -15.26
CA GLY C 224 -14.49 -25.75 -15.03
C GLY C 224 -14.73 -24.71 -16.11
N ILE C 225 -15.99 -24.53 -16.50
CA ILE C 225 -16.36 -23.53 -17.51
C ILE C 225 -17.46 -22.64 -16.95
N THR C 226 -17.27 -21.33 -17.08
CA THR C 226 -18.27 -20.34 -16.74
C THR C 226 -18.39 -19.35 -17.89
N VAL C 227 -19.62 -18.99 -18.25
CA VAL C 227 -19.89 -18.22 -19.46
C VAL C 227 -20.29 -16.81 -19.09
N VAL C 228 -20.00 -15.87 -19.99
CA VAL C 228 -20.47 -14.49 -19.87
C VAL C 228 -21.46 -14.23 -21.00
N ASN C 229 -21.80 -12.95 -21.20
CA ASN C 229 -22.82 -12.59 -22.17
C ASN C 229 -22.26 -12.67 -23.60
N ILE C 230 -23.14 -12.48 -24.58
CA ILE C 230 -22.75 -12.52 -25.98
C ILE C 230 -21.89 -11.31 -26.32
N ASP C 231 -20.76 -11.56 -26.98
CA ASP C 231 -19.76 -10.58 -27.40
C ASP C 231 -19.19 -9.76 -26.24
N ASN C 232 -19.61 -10.01 -25.00
CA ASN C 232 -19.11 -9.26 -23.85
C ASN C 232 -17.69 -9.68 -23.53
N GLY C 233 -16.75 -9.43 -24.45
CA GLY C 233 -15.36 -9.79 -24.22
C GLY C 233 -14.73 -9.03 -23.07
N PHE C 234 -15.37 -7.95 -22.61
CA PHE C 234 -14.83 -7.18 -21.50
C PHE C 234 -15.07 -7.90 -20.17
N GLY C 235 -16.32 -8.26 -19.88
CA GLY C 235 -16.63 -8.92 -18.63
C GLY C 235 -15.87 -10.22 -18.43
N ALA C 236 -15.53 -10.90 -19.53
CA ALA C 236 -14.67 -12.08 -19.43
C ALA C 236 -13.28 -11.69 -18.95
N ALA C 237 -12.68 -10.67 -19.58
CA ALA C 237 -11.32 -10.26 -19.21
C ALA C 237 -11.28 -9.65 -17.82
N TYR C 238 -12.33 -8.94 -17.41
CA TYR C 238 -12.37 -8.39 -16.07
C TYR C 238 -12.33 -9.50 -15.03
N SER C 239 -13.24 -10.48 -15.14
CA SER C 239 -13.20 -11.62 -14.24
C SER C 239 -11.92 -12.41 -14.41
N ALA C 240 -11.41 -12.51 -15.64
CA ALA C 240 -10.15 -13.21 -15.87
C ALA C 240 -8.99 -12.48 -15.23
N SER C 241 -9.09 -11.15 -15.09
CA SER C 241 -8.00 -10.39 -14.49
C SER C 241 -7.92 -10.62 -12.99
N MET C 242 -9.07 -10.56 -12.31
CA MET C 242 -9.09 -10.81 -10.86
C MET C 242 -8.58 -12.21 -10.54
N VAL C 243 -8.98 -13.20 -11.35
CA VAL C 243 -8.57 -14.58 -11.10
C VAL C 243 -7.06 -14.72 -11.23
N ASN C 244 -6.46 -14.02 -12.19
CA ASN C 244 -5.02 -14.13 -12.39
C ASN C 244 -4.25 -13.49 -11.23
N GLN C 245 -4.76 -12.41 -10.65
CA GLN C 245 -4.07 -11.70 -9.58
C GLN C 245 -4.61 -12.13 -8.21
N MET C 246 -4.52 -13.43 -7.96
CA MET C 246 -4.99 -14.00 -6.70
C MET C 246 -3.82 -14.44 -5.83
N ALA D 36 -15.16 52.99 12.24
CA ALA D 36 -16.06 52.62 11.15
C ALA D 36 -15.85 51.17 10.74
N ASN D 37 -14.59 50.78 10.58
CA ASN D 37 -14.24 49.41 10.22
C ASN D 37 -12.79 49.12 10.61
N VAL D 38 -12.52 49.01 11.92
CA VAL D 38 -11.17 48.87 12.43
C VAL D 38 -10.95 47.64 13.30
N ASP D 39 -12.00 47.02 13.83
CA ASP D 39 -11.95 45.79 14.61
C ASP D 39 -11.42 46.00 16.02
N LEU D 40 -10.39 45.24 16.40
CA LEU D 40 -10.04 45.00 17.79
C LEU D 40 -9.00 45.98 18.31
N ASP D 41 -8.54 45.74 19.54
CA ASP D 41 -7.57 46.59 20.23
C ASP D 41 -6.15 46.05 20.18
N ARG D 42 -5.97 44.74 20.09
CA ARG D 42 -4.65 44.18 19.89
C ARG D 42 -4.04 44.72 18.60
N GLN D 43 -4.73 44.52 17.49
CA GLN D 43 -4.30 45.04 16.19
C GLN D 43 -5.53 45.41 15.39
N ARG D 44 -5.66 46.69 15.04
CA ARG D 44 -6.82 47.14 14.27
C ARG D 44 -6.78 46.58 12.86
N ARG D 45 -7.85 45.90 12.45
CA ARG D 45 -7.89 45.20 11.17
C ARG D 45 -8.49 46.11 10.10
N ASN D 46 -8.98 45.54 9.01
CA ASN D 46 -9.51 46.31 7.89
C ASN D 46 -10.41 45.39 7.06
N GLY D 47 -10.67 45.79 5.81
CA GLY D 47 -11.48 44.99 4.90
C GLY D 47 -10.88 44.99 3.51
N PHE D 48 -11.30 43.98 2.72
CA PHE D 48 -10.79 43.50 1.43
C PHE D 48 -10.06 42.18 1.70
N PRO D 49 -9.58 41.44 0.69
CA PRO D 49 -8.83 40.21 0.97
C PRO D 49 -7.69 40.46 1.95
N GLU D 50 -7.59 39.59 2.96
CA GLU D 50 -6.82 39.88 4.15
C GLU D 50 -5.74 38.82 4.40
N VAL D 51 -4.56 39.29 4.80
CA VAL D 51 -3.45 38.46 5.25
C VAL D 51 -2.90 39.12 6.51
N ILE D 52 -2.39 38.30 7.44
CA ILE D 52 -2.07 38.79 8.77
C ILE D 52 -0.60 38.65 9.15
N TYR D 53 0.21 37.90 8.39
CA TYR D 53 1.64 37.77 8.67
C TYR D 53 1.98 37.17 10.03
N GLY D 54 1.75 35.86 10.18
CA GLY D 54 1.76 35.23 11.49
C GLY D 54 3.00 35.37 12.37
N ALA D 55 4.16 35.67 11.79
CA ALA D 55 5.40 35.69 12.56
C ALA D 55 5.67 37.03 13.22
N GLY D 56 4.66 37.67 13.78
CA GLY D 56 4.85 38.98 14.39
C GLY D 56 4.25 39.15 15.77
N LYS D 57 3.02 38.70 15.94
CA LYS D 57 2.28 38.86 17.18
C LYS D 57 2.13 37.51 17.88
N THR D 58 1.47 37.53 19.04
CA THR D 58 1.27 36.32 19.81
C THR D 58 0.18 35.46 19.19
N ALA D 59 0.07 34.22 19.67
CA ALA D 59 -0.83 33.25 19.07
C ALA D 59 -2.29 33.58 19.35
N THR D 60 -2.59 34.21 20.50
CA THR D 60 -3.97 34.53 20.82
C THR D 60 -4.45 35.78 20.09
N GLN D 61 -3.55 36.70 19.75
CA GLN D 61 -3.94 37.86 18.96
C GLN D 61 -4.17 37.49 17.51
N ILE D 62 -3.49 36.45 17.03
CA ILE D 62 -3.67 36.02 15.64
C ILE D 62 -5.05 35.40 15.44
N VAL D 63 -5.44 34.49 16.34
CA VAL D 63 -6.76 33.89 16.23
C VAL D 63 -7.86 34.85 16.67
N GLY D 64 -7.52 35.85 17.50
CA GLY D 64 -8.51 36.83 17.90
C GLY D 64 -8.91 37.78 16.79
N ILE D 65 -8.02 37.92 15.82
CA ILE D 65 -8.23 38.81 14.66
C ILE D 65 -9.19 38.10 13.71
N VAL D 66 -8.84 36.88 13.34
CA VAL D 66 -9.55 36.16 12.30
C VAL D 66 -10.97 35.83 12.76
N GLN D 67 -11.15 35.56 14.05
CA GLN D 67 -12.48 35.27 14.57
C GLN D 67 -13.35 36.52 14.61
N ALA D 68 -12.74 37.69 14.75
CA ALA D 68 -13.47 38.95 14.62
C ALA D 68 -13.73 39.34 13.18
N LEU D 69 -13.17 38.61 12.22
CA LEU D 69 -13.29 38.91 10.80
C LEU D 69 -14.17 37.92 10.06
N SER D 70 -13.99 36.61 10.31
CA SER D 70 -14.72 35.58 9.61
C SER D 70 -16.22 35.67 9.86
N GLN D 71 -16.94 36.34 8.96
CA GLN D 71 -18.39 36.43 9.04
C GLN D 71 -19.01 36.06 7.70
N GLN D 72 -18.59 36.75 6.63
CA GLN D 72 -19.02 36.43 5.28
C GLN D 72 -17.99 36.87 4.25
N THR D 73 -16.72 36.84 4.60
CA THR D 73 -15.64 37.33 3.75
C THR D 73 -14.96 36.17 3.03
N LEU D 74 -14.14 36.52 2.03
CA LEU D 74 -13.34 35.54 1.32
C LEU D 74 -12.39 34.82 2.28
N PRO D 75 -11.86 33.66 1.88
CA PRO D 75 -10.95 32.92 2.78
C PRO D 75 -9.81 33.78 3.29
N ILE D 76 -9.37 33.47 4.51
CA ILE D 76 -8.33 34.23 5.20
C ILE D 76 -7.01 33.48 5.10
N LEU D 77 -5.91 34.24 5.04
CA LEU D 77 -4.59 33.66 4.81
C LEU D 77 -3.62 34.16 5.87
N THR D 78 -2.63 33.32 6.20
CA THR D 78 -1.61 33.63 7.20
C THR D 78 -0.26 33.18 6.68
N THR D 79 0.67 34.13 6.50
CA THR D 79 1.99 33.84 5.98
C THR D 79 3.01 33.73 7.11
N ARG D 80 4.05 32.95 6.87
CA ARG D 80 5.17 32.77 7.79
C ARG D 80 4.69 32.33 9.18
N LEU D 81 3.98 31.22 9.20
CA LEU D 81 3.49 30.62 10.43
C LEU D 81 4.30 29.36 10.71
N SER D 82 5.04 29.38 11.82
CA SER D 82 5.88 28.24 12.18
C SER D 82 5.01 27.03 12.55
N ALA D 83 5.62 25.85 12.48
CA ALA D 83 4.92 24.63 12.85
C ALA D 83 4.59 24.60 14.33
N GLU D 84 5.42 25.26 15.16
CA GLU D 84 5.14 25.36 16.59
C GLU D 84 4.01 26.32 16.89
N LYS D 85 3.89 27.40 16.10
CA LYS D 85 2.81 28.35 16.34
C LYS D 85 1.46 27.80 15.89
N PHE D 86 1.45 26.91 14.89
CA PHE D 86 0.19 26.34 14.44
C PHE D 86 -0.41 25.41 15.49
N ALA D 87 0.43 24.84 16.37
CA ALA D 87 -0.09 23.97 17.43
C ALA D 87 -0.89 24.74 18.47
N ALA D 88 -0.64 26.04 18.61
CA ALA D 88 -1.39 26.88 19.55
C ALA D 88 -2.64 27.47 18.94
N LEU D 89 -2.85 27.31 17.64
CA LEU D 89 -4.04 27.80 16.97
C LEU D 89 -5.02 26.71 16.58
N GLN D 90 -4.57 25.46 16.47
CA GLN D 90 -5.46 24.38 16.04
C GLN D 90 -6.66 24.17 16.95
N PRO D 91 -6.54 24.17 18.29
CA PRO D 91 -7.75 24.05 19.11
C PRO D 91 -8.71 25.22 18.96
N ALA D 92 -8.20 26.41 18.67
CA ALA D 92 -9.08 27.56 18.48
C ALA D 92 -9.70 27.58 17.09
N LEU D 93 -9.01 27.04 16.08
CA LEU D 93 -9.49 26.99 14.71
C LEU D 93 -9.41 25.56 14.23
N PRO D 94 -10.44 24.75 14.52
CA PRO D 94 -10.40 23.35 14.07
C PRO D 94 -10.54 23.18 12.56
N THR D 95 -11.20 24.13 11.88
CA THR D 95 -11.40 24.05 10.44
C THR D 95 -10.34 24.83 9.67
N ALA D 96 -9.09 24.78 10.12
CA ALA D 96 -7.98 25.48 9.47
C ALA D 96 -7.01 24.47 8.87
N VAL D 97 -6.53 24.75 7.67
CA VAL D 97 -5.56 23.89 6.99
C VAL D 97 -4.19 24.53 7.08
N TYR D 98 -3.17 23.71 7.30
CA TYR D 98 -1.80 24.16 7.45
C TYR D 98 -0.91 23.39 6.48
N HIS D 99 0.03 24.11 5.87
CA HIS D 99 0.94 23.53 4.87
C HIS D 99 2.36 23.73 5.39
N ALA D 100 2.95 22.65 5.89
CA ALA D 100 4.28 22.74 6.50
C ALA D 100 5.33 23.23 5.51
N THR D 101 5.32 22.67 4.30
CA THR D 101 6.27 23.10 3.28
C THR D 101 6.07 24.57 2.92
N ALA D 102 4.82 25.03 2.92
CA ALA D 102 4.52 26.41 2.57
C ALA D 102 4.64 27.35 3.76
N GLN D 103 4.64 26.83 4.99
CA GLN D 103 4.65 27.65 6.20
C GLN D 103 3.50 28.65 6.22
N CYS D 104 2.39 28.29 5.59
CA CYS D 104 1.20 29.12 5.52
C CYS D 104 0.01 28.38 6.13
N MET D 105 -0.98 29.16 6.53
CA MET D 105 -2.23 28.63 7.07
C MET D 105 -3.38 29.46 6.52
N THR D 106 -4.38 28.79 5.97
CA THR D 106 -5.58 29.43 5.46
C THR D 106 -6.80 28.88 6.18
N VAL D 107 -7.68 29.76 6.62
CA VAL D 107 -8.89 29.39 7.35
C VAL D 107 -10.07 29.63 6.41
N GLY D 108 -10.58 28.56 5.84
CA GLY D 108 -11.68 28.63 4.89
C GLY D 108 -11.44 27.71 3.71
N GLU D 109 -12.54 27.30 3.07
CA GLU D 109 -12.45 26.41 1.93
C GLU D 109 -11.78 27.11 0.75
N GLN D 110 -10.80 26.46 0.15
CA GLN D 110 -10.10 27.01 -0.99
C GLN D 110 -11.06 27.15 -2.17
N PRO D 111 -11.24 28.34 -2.73
CA PRO D 111 -12.18 28.51 -3.85
C PRO D 111 -11.78 27.77 -5.11
N ALA D 112 -12.61 27.88 -6.15
CA ALA D 112 -12.40 27.22 -7.43
C ALA D 112 -11.97 28.21 -8.49
N PRO D 113 -11.05 27.82 -9.40
CA PRO D 113 -10.56 28.77 -10.41
C PRO D 113 -11.64 29.31 -11.32
N LYS D 114 -11.90 30.62 -11.24
CA LYS D 114 -12.88 31.24 -12.11
C LYS D 114 -12.30 31.52 -13.50
N THR D 115 -11.07 32.04 -13.55
CA THR D 115 -10.43 32.32 -14.83
C THR D 115 -9.87 31.03 -15.43
N PRO D 116 -9.92 30.88 -16.76
CA PRO D 116 -9.39 29.65 -17.37
C PRO D 116 -7.88 29.59 -17.45
N GLY D 117 -7.18 30.73 -17.39
CA GLY D 117 -5.74 30.73 -17.48
C GLY D 117 -5.09 30.10 -16.26
N TYR D 118 -3.82 29.74 -16.42
CA TYR D 118 -3.05 29.11 -15.36
C TYR D 118 -1.73 29.85 -15.17
N ILE D 119 -1.32 29.96 -13.91
CA ILE D 119 -0.06 30.61 -13.54
C ILE D 119 1.04 29.56 -13.49
N ALA D 120 2.23 29.93 -13.92
CA ALA D 120 3.38 29.04 -13.94
C ALA D 120 4.32 29.40 -12.80
N VAL D 121 4.61 28.45 -11.93
CA VAL D 121 5.59 28.62 -10.86
C VAL D 121 6.77 27.74 -11.22
N VAL D 122 7.87 28.36 -11.64
CA VAL D 122 9.05 27.64 -12.10
C VAL D 122 10.20 27.96 -11.15
N THR D 123 10.84 26.92 -10.62
CA THR D 123 11.94 27.07 -9.68
C THR D 123 13.18 26.39 -10.23
N ALA D 124 14.33 27.04 -10.05
CA ALA D 124 15.59 26.48 -10.50
C ALA D 124 15.93 25.20 -9.74
N GLY D 125 15.62 25.15 -8.45
CA GLY D 125 15.91 23.99 -7.65
C GLY D 125 14.84 23.77 -6.61
N THR D 126 14.85 22.56 -6.04
CA THR D 126 13.89 22.18 -5.01
C THR D 126 14.29 22.67 -3.62
N SER D 127 15.49 23.24 -3.47
CA SER D 127 15.82 23.93 -2.23
C SER D 127 14.97 25.17 -2.02
N ASP D 128 14.28 25.64 -3.06
CA ASP D 128 13.35 26.76 -2.96
C ASP D 128 11.92 26.31 -2.72
N GLN D 129 11.70 25.00 -2.55
CA GLN D 129 10.35 24.48 -2.33
C GLN D 129 9.62 25.16 -1.18
N PRO D 130 10.25 25.56 -0.06
CA PRO D 130 9.56 26.39 0.93
C PRO D 130 8.99 27.66 0.30
N VAL D 131 9.85 28.47 -0.30
CA VAL D 131 9.38 29.69 -0.96
C VAL D 131 8.50 29.35 -2.15
N ALA D 132 8.73 28.21 -2.80
CA ALA D 132 7.93 27.84 -3.96
C ALA D 132 6.50 27.53 -3.58
N GLU D 133 6.32 26.73 -2.52
CA GLU D 133 4.97 26.38 -2.09
C GLU D 133 4.26 27.56 -1.43
N GLU D 134 5.01 28.44 -0.75
CA GLU D 134 4.40 29.65 -0.20
C GLU D 134 3.76 30.49 -1.30
N ALA D 135 4.39 30.53 -2.48
CA ALA D 135 3.80 31.21 -3.62
C ALA D 135 2.72 30.37 -4.28
N ALA D 136 2.83 29.05 -4.21
CA ALA D 136 1.89 28.18 -4.92
C ALA D 136 0.50 28.24 -4.29
N VAL D 137 0.42 28.06 -2.96
CA VAL D 137 -0.89 28.05 -2.30
C VAL D 137 -1.46 29.46 -2.23
N THR D 138 -0.61 30.48 -2.24
CA THR D 138 -1.12 31.85 -2.22
C THR D 138 -1.81 32.20 -3.54
N ALA D 139 -1.32 31.67 -4.65
CA ALA D 139 -2.01 31.85 -5.93
C ALA D 139 -3.24 30.97 -6.04
N GLU D 140 -3.23 29.81 -5.38
CA GLU D 140 -4.36 28.90 -5.45
C GLU D 140 -5.48 29.33 -4.53
N THR D 141 -5.15 29.90 -3.37
CA THR D 141 -6.18 30.33 -2.43
C THR D 141 -7.03 31.46 -2.99
N PHE D 142 -6.41 32.37 -3.74
CA PHE D 142 -7.15 33.46 -4.35
C PHE D 142 -7.92 33.05 -5.61
N GLY D 143 -7.81 31.78 -6.02
CA GLY D 143 -8.64 31.27 -7.09
C GLY D 143 -7.96 31.19 -8.45
N ASN D 144 -6.70 30.79 -8.47
CA ASN D 144 -5.95 30.63 -9.71
C ASN D 144 -5.42 29.20 -9.81
N ARG D 145 -5.59 28.59 -10.98
CA ARG D 145 -4.93 27.32 -11.25
C ARG D 145 -3.47 27.57 -11.58
N VAL D 146 -2.59 26.75 -11.01
CA VAL D 146 -1.16 26.88 -11.24
C VAL D 146 -0.61 25.56 -11.77
N GLU D 147 0.51 25.67 -12.47
CA GLU D 147 1.25 24.51 -12.98
C GLU D 147 2.67 24.59 -12.45
N ARG D 148 3.06 23.59 -11.66
CA ARG D 148 4.37 23.57 -11.04
C ARG D 148 5.37 22.87 -11.95
N VAL D 149 6.48 23.54 -12.25
CA VAL D 149 7.60 22.96 -12.97
C VAL D 149 8.84 23.23 -12.12
N TYR D 150 9.27 22.23 -11.36
CA TYR D 150 10.31 22.41 -10.37
C TYR D 150 11.63 21.82 -10.85
N ASP D 151 12.30 22.91 -10.65
CA ASP D 151 13.61 22.48 -10.72
C ASP D 151 14.19 21.99 -12.02
N VAL D 152 14.33 23.02 -12.78
CA VAL D 152 14.96 23.19 -14.09
C VAL D 152 16.07 24.22 -14.12
N GLY D 153 17.14 23.98 -13.35
CA GLY D 153 18.21 24.95 -13.24
C GLY D 153 19.03 25.06 -14.49
N VAL D 154 19.81 26.15 -14.57
CA VAL D 154 20.64 26.40 -15.73
C VAL D 154 21.79 25.41 -15.82
N ALA D 155 22.10 24.70 -14.73
CA ALA D 155 23.13 23.66 -14.79
C ALA D 155 22.74 22.56 -15.77
N GLY D 156 21.48 22.13 -15.72
CA GLY D 156 20.94 21.23 -16.71
C GLY D 156 19.90 21.93 -17.57
N ILE D 157 20.37 22.78 -18.49
CA ILE D 157 19.47 23.68 -19.20
C ILE D 157 18.52 22.93 -20.13
N HIS D 158 18.87 21.69 -20.51
CA HIS D 158 17.97 20.93 -21.40
C HIS D 158 16.65 20.63 -20.72
N ARG D 159 16.63 20.53 -19.39
CA ARG D 159 15.39 20.30 -18.67
C ARG D 159 14.42 21.46 -18.85
N LEU D 160 14.93 22.68 -18.95
CA LEU D 160 14.05 23.83 -19.15
C LEU D 160 13.38 23.79 -20.51
N PHE D 161 14.13 23.45 -21.56
CA PHE D 161 13.56 23.39 -22.89
C PHE D 161 12.61 22.22 -23.08
N ALA D 162 12.77 21.15 -22.29
CA ALA D 162 11.79 20.07 -22.32
C ALA D 162 10.47 20.51 -21.74
N LYS D 163 10.50 21.24 -20.63
CA LYS D 163 9.31 21.79 -19.99
C LYS D 163 9.06 23.24 -20.38
N LEU D 164 9.46 23.64 -21.59
CA LEU D 164 9.26 25.01 -22.06
C LEU D 164 7.85 25.23 -22.60
N ASP D 165 7.17 24.17 -23.03
CA ASP D 165 5.84 24.34 -23.61
C ASP D 165 4.84 24.85 -22.58
N VAL D 166 4.97 24.44 -21.32
CA VAL D 166 4.02 24.86 -20.30
C VAL D 166 4.33 26.28 -19.82
N ILE D 167 5.61 26.63 -19.71
CA ILE D 167 5.98 27.96 -19.23
C ILE D 167 5.63 29.02 -20.27
N ARG D 168 5.94 28.75 -21.54
CA ARG D 168 5.71 29.75 -22.59
C ARG D 168 4.21 29.97 -22.83
N GLY D 169 3.40 28.93 -22.67
CA GLY D 169 1.98 29.05 -22.93
C GLY D 169 1.15 29.28 -21.68
N ALA D 170 1.69 30.03 -20.74
CA ALA D 170 1.01 30.34 -19.49
C ALA D 170 0.59 31.80 -19.45
N ARG D 171 -0.34 32.11 -18.55
CA ARG D 171 -0.79 33.49 -18.39
C ARG D 171 0.23 34.33 -17.65
N VAL D 172 0.82 33.79 -16.58
CA VAL D 172 1.85 34.49 -15.83
C VAL D 172 2.82 33.43 -15.30
N VAL D 173 4.10 33.80 -15.22
CA VAL D 173 5.15 32.88 -14.81
C VAL D 173 5.99 33.55 -13.73
N ILE D 174 6.07 32.92 -12.56
CA ILE D 174 6.93 33.36 -11.47
C ILE D 174 8.16 32.45 -11.43
N VAL D 175 9.34 33.05 -11.50
CA VAL D 175 10.59 32.31 -11.44
C VAL D 175 11.21 32.51 -10.06
N ILE D 176 11.57 31.41 -9.41
CA ILE D 176 12.17 31.41 -8.09
C ILE D 176 13.51 30.70 -8.18
N ALA D 177 14.58 31.37 -7.70
CA ALA D 177 15.92 30.81 -7.83
C ALA D 177 16.79 31.30 -6.68
N GLY D 178 17.80 30.50 -6.36
CA GLY D 178 18.81 30.85 -5.38
C GLY D 178 20.20 30.85 -6.00
N MET D 179 21.19 31.09 -5.15
CA MET D 179 22.61 31.11 -5.56
C MET D 179 22.71 32.14 -6.68
N GLU D 180 23.20 31.78 -7.87
CA GLU D 180 23.39 32.77 -8.92
C GLU D 180 22.12 33.50 -9.33
N GLY D 181 21.03 32.77 -9.52
CA GLY D 181 19.80 33.40 -9.96
C GLY D 181 19.75 33.69 -11.44
N ALA D 182 20.47 32.91 -12.24
CA ALA D 182 20.49 33.12 -13.69
C ALA D 182 19.20 32.68 -14.36
N LEU D 183 18.39 31.86 -13.69
CA LEU D 183 17.20 31.31 -14.33
C LEU D 183 16.22 32.40 -14.73
N ALA D 184 16.09 33.44 -13.91
CA ALA D 184 15.23 34.56 -14.28
C ALA D 184 15.70 35.21 -15.57
N SER D 185 17.01 35.44 -15.70
CA SER D 185 17.54 36.14 -16.87
C SER D 185 17.21 35.39 -18.16
N VAL D 186 17.40 34.07 -18.17
CA VAL D 186 17.17 33.31 -19.40
C VAL D 186 15.67 33.13 -19.64
N VAL D 187 14.90 32.86 -18.59
CA VAL D 187 13.46 32.66 -18.75
C VAL D 187 12.79 33.95 -19.24
N GLY D 188 13.25 35.10 -18.73
CA GLY D 188 12.67 36.36 -19.17
C GLY D 188 12.87 36.61 -20.65
N GLY D 189 14.04 36.24 -21.18
CA GLY D 189 14.35 36.40 -22.58
C GLY D 189 13.76 35.36 -23.51
N LEU D 190 13.09 34.35 -22.97
CA LEU D 190 12.49 33.29 -23.77
C LEU D 190 10.97 33.26 -23.68
N VAL D 191 10.37 34.10 -22.84
CA VAL D 191 8.93 34.11 -22.61
C VAL D 191 8.39 35.49 -22.91
N ASP D 192 7.33 35.56 -23.73
CA ASP D 192 6.67 36.81 -24.07
C ASP D 192 5.51 37.13 -23.14
N LYS D 193 5.65 36.80 -21.86
CA LYS D 193 4.64 37.02 -20.84
C LYS D 193 5.28 37.74 -19.66
N PRO D 194 4.47 38.38 -18.81
CA PRO D 194 5.04 39.04 -17.62
C PRO D 194 5.65 38.02 -16.67
N VAL D 195 6.85 38.32 -16.19
CA VAL D 195 7.62 37.41 -15.34
C VAL D 195 7.94 38.12 -14.03
N ILE D 196 7.63 37.46 -12.91
CA ILE D 196 7.97 37.94 -11.58
C ILE D 196 9.12 37.11 -11.05
N ALA D 197 10.19 37.77 -10.62
CA ALA D 197 11.38 37.09 -10.13
C ALA D 197 11.42 37.14 -8.60
N VAL D 198 11.75 36.00 -7.99
CA VAL D 198 11.84 35.90 -6.53
C VAL D 198 13.13 35.17 -6.15
N PRO D 199 14.09 35.84 -5.52
CA PRO D 199 15.25 35.13 -5.00
C PRO D 199 14.94 34.47 -3.67
N THR D 200 15.77 33.50 -3.31
CA THR D 200 15.59 32.73 -2.09
C THR D 200 16.79 32.89 -1.16
N SER D 201 16.56 32.59 0.12
CA SER D 201 17.59 32.64 1.14
C SER D 201 18.56 31.46 1.07
N VAL D 202 18.37 30.54 0.12
CA VAL D 202 19.27 29.41 -0.04
C VAL D 202 20.67 29.94 -0.38
N GLY D 203 21.57 29.87 0.59
CA GLY D 203 22.92 30.40 0.47
C GLY D 203 23.91 29.33 0.88
N TYR D 204 25.20 29.67 0.80
CA TYR D 204 26.24 28.76 1.27
C TYR D 204 27.50 29.52 1.68
N GLY D 205 27.36 30.79 2.07
CA GLY D 205 28.49 31.54 2.57
C GLY D 205 28.66 32.90 1.90
N THR D 206 28.84 32.89 0.58
CA THR D 206 29.06 34.11 -0.18
C THR D 206 27.78 34.64 -0.84
N SER D 207 26.69 33.86 -0.82
CA SER D 207 25.44 34.31 -1.41
C SER D 207 24.77 35.42 -0.62
N PHE D 208 25.27 35.73 0.58
CA PHE D 208 24.72 36.78 1.43
C PHE D 208 23.23 36.54 1.73
N GLN D 209 22.92 35.29 2.08
CA GLN D 209 21.55 34.86 2.37
C GLN D 209 20.59 35.20 1.22
N GLY D 210 21.07 35.09 -0.02
CA GLY D 210 20.24 35.36 -1.18
C GLY D 210 20.31 36.78 -1.73
N MET D 211 21.11 37.65 -1.13
CA MET D 211 21.21 39.02 -1.62
C MET D 211 21.85 39.08 -3.00
N THR D 212 22.71 38.11 -3.33
CA THR D 212 23.33 38.10 -4.65
C THR D 212 22.32 37.68 -5.73
N ALA D 213 21.40 36.77 -5.39
CA ALA D 213 20.38 36.39 -6.35
C ALA D 213 19.39 37.52 -6.58
N LEU D 214 19.14 38.34 -5.56
CA LEU D 214 18.30 39.51 -5.74
C LEU D 214 18.91 40.50 -6.72
N LEU D 215 20.23 40.72 -6.63
CA LEU D 215 20.89 41.64 -7.54
C LEU D 215 20.88 41.10 -8.97
N THR D 216 21.01 39.78 -9.13
CA THR D 216 21.01 39.19 -10.47
C THR D 216 19.71 39.45 -11.19
N MET D 217 18.58 39.23 -10.51
CA MET D 217 17.28 39.49 -11.12
C MET D 217 17.06 40.98 -11.33
N LEU D 218 17.61 41.81 -10.45
CA LEU D 218 17.57 43.25 -10.68
C LEU D 218 18.44 43.65 -11.87
N ASN D 219 19.61 43.01 -12.01
CA ASN D 219 20.54 43.29 -13.11
C ASN D 219 20.06 42.78 -14.45
N SER D 220 18.83 42.28 -14.58
CA SER D 220 18.32 41.82 -15.86
C SER D 220 16.80 41.98 -15.92
N CYS D 221 16.29 43.05 -15.33
CA CYS D 221 14.85 43.32 -15.30
C CYS D 221 14.41 44.15 -16.51
N ALA D 222 14.87 43.75 -17.70
CA ALA D 222 14.52 44.42 -18.95
C ALA D 222 13.86 43.48 -19.95
N SER D 223 13.53 42.27 -19.54
CA SER D 223 12.89 41.27 -20.40
C SER D 223 11.48 40.94 -19.91
N GLY D 224 10.79 41.96 -19.40
CA GLY D 224 9.50 41.73 -18.78
C GLY D 224 9.57 41.25 -17.35
N ILE D 225 10.71 41.41 -16.70
CA ILE D 225 10.95 40.90 -15.35
C ILE D 225 10.76 42.03 -14.35
N THR D 226 9.92 41.79 -13.35
CA THR D 226 9.80 42.65 -12.18
C THR D 226 10.08 41.80 -10.95
N VAL D 227 11.05 42.21 -10.14
CA VAL D 227 11.52 41.39 -9.04
C VAL D 227 10.87 41.85 -7.74
N VAL D 228 10.80 40.93 -6.77
CA VAL D 228 10.25 41.22 -5.46
C VAL D 228 11.31 40.83 -4.43
N ASN D 229 10.96 40.87 -3.14
CA ASN D 229 11.93 40.71 -2.06
C ASN D 229 12.34 39.25 -1.88
N ILE D 230 13.40 39.06 -1.09
CA ILE D 230 13.94 37.73 -0.85
C ILE D 230 12.94 36.89 -0.09
N ASP D 231 12.75 35.64 -0.53
CA ASP D 231 11.83 34.68 0.06
C ASP D 231 10.38 35.12 -0.04
N ASN D 232 10.10 36.25 -0.69
CA ASN D 232 8.76 36.82 -0.73
C ASN D 232 7.94 36.18 -1.84
N GLY D 233 7.73 34.86 -1.73
CA GLY D 233 6.85 34.18 -2.65
C GLY D 233 5.42 34.63 -2.55
N PHE D 234 5.03 35.14 -1.38
CA PHE D 234 3.67 35.66 -1.20
C PHE D 234 3.44 36.91 -2.04
N GLY D 235 4.32 37.89 -1.91
CA GLY D 235 4.17 39.13 -2.66
C GLY D 235 4.13 38.91 -4.16
N ALA D 236 4.82 37.89 -4.65
CA ALA D 236 4.75 37.57 -6.08
C ALA D 236 3.41 36.96 -6.43
N ALA D 237 2.88 36.09 -5.57
CA ALA D 237 1.60 35.45 -5.87
C ALA D 237 0.45 36.42 -5.74
N TYR D 238 0.55 37.40 -4.84
CA TYR D 238 -0.46 38.45 -4.76
C TYR D 238 -0.55 39.21 -6.09
N SER D 239 0.58 39.69 -6.59
CA SER D 239 0.58 40.41 -7.87
C SER D 239 0.17 39.49 -9.01
N ALA D 240 0.73 38.28 -9.05
CA ALA D 240 0.44 37.37 -10.15
C ALA D 240 -1.04 37.00 -10.21
N SER D 241 -1.74 37.03 -9.08
CA SER D 241 -3.17 36.76 -9.09
C SER D 241 -3.95 37.90 -9.74
N MET D 242 -3.58 39.15 -9.41
CA MET D 242 -4.27 40.29 -10.00
C MET D 242 -4.04 40.36 -11.51
N VAL D 243 -2.84 39.99 -11.96
CA VAL D 243 -2.52 40.05 -13.38
C VAL D 243 -3.36 39.04 -14.16
N ASN D 244 -3.62 37.87 -13.57
CA ASN D 244 -4.38 36.84 -14.26
C ASN D 244 -5.82 37.27 -14.48
N GLN D 245 -6.48 37.76 -13.44
CA GLN D 245 -7.89 38.15 -13.52
C GLN D 245 -7.97 39.63 -13.84
N MET D 246 -8.47 39.96 -15.03
CA MET D 246 -8.64 41.34 -15.46
C MET D 246 -9.97 41.53 -16.17
N ARG E 44 64.86 28.59 -11.28
CA ARG E 44 64.02 29.77 -11.45
C ARG E 44 63.39 29.79 -12.85
N ARG E 45 64.06 29.13 -13.80
CA ARG E 45 63.55 29.07 -15.16
C ARG E 45 62.25 28.27 -15.21
N ASN E 46 61.26 28.81 -15.90
CA ASN E 46 59.94 28.21 -16.00
C ASN E 46 59.45 28.08 -17.43
N GLY E 47 59.78 29.03 -18.30
CA GLY E 47 59.34 28.99 -19.68
C GLY E 47 58.26 29.98 -20.04
N PHE E 48 57.92 30.89 -19.15
CA PHE E 48 56.88 31.89 -19.40
C PHE E 48 57.50 33.18 -19.91
N PRO E 49 56.85 33.85 -20.88
CA PRO E 49 57.26 35.21 -21.21
C PRO E 49 56.92 36.16 -20.08
N GLU E 50 57.79 37.14 -19.85
CA GLU E 50 57.62 38.07 -18.76
C GLU E 50 56.76 39.26 -19.20
N VAL E 51 56.05 39.84 -18.24
CA VAL E 51 55.07 40.89 -18.50
C VAL E 51 55.27 42.01 -17.50
N ILE E 52 55.08 43.25 -17.94
CA ILE E 52 55.16 44.43 -17.09
C ILE E 52 53.81 45.15 -17.13
N TYR E 53 53.38 45.64 -15.97
CA TYR E 53 52.11 46.36 -15.85
C TYR E 53 52.33 47.78 -16.37
N GLY E 54 51.87 48.04 -17.60
CA GLY E 54 52.14 49.31 -18.25
C GLY E 54 51.46 50.50 -17.62
N ALA E 55 50.39 50.28 -16.87
CA ALA E 55 49.69 51.38 -16.21
C ALA E 55 50.33 51.69 -14.86
N GLY E 56 50.29 52.97 -14.49
CA GLY E 56 50.83 53.44 -13.24
C GLY E 56 52.26 53.93 -13.31
N LYS E 57 53.05 53.43 -14.26
CA LYS E 57 54.43 53.85 -14.44
C LYS E 57 54.51 54.89 -15.55
N THR E 58 55.71 55.45 -15.72
CA THR E 58 55.90 56.52 -16.69
C THR E 58 56.06 55.94 -18.10
N ALA E 59 56.07 56.84 -19.08
CA ALA E 59 56.18 56.42 -20.47
C ALA E 59 57.59 55.95 -20.80
N THR E 60 58.60 56.47 -20.12
CA THR E 60 59.99 56.10 -20.39
C THR E 60 60.47 54.93 -19.55
N GLN E 61 59.79 54.61 -18.45
CA GLN E 61 60.23 53.50 -17.61
C GLN E 61 60.02 52.16 -18.28
N ILE E 62 59.05 52.06 -19.18
CA ILE E 62 58.86 50.79 -19.90
C ILE E 62 59.98 50.58 -20.90
N VAL E 63 60.61 51.67 -21.38
CA VAL E 63 61.73 51.53 -22.29
C VAL E 63 63.02 51.22 -21.54
N GLY E 64 63.10 51.59 -20.26
CA GLY E 64 64.29 51.24 -19.48
C GLY E 64 64.34 49.77 -19.13
N ILE E 65 63.19 49.11 -19.05
CA ILE E 65 63.16 47.68 -18.75
C ILE E 65 62.96 46.84 -20.01
N VAL E 66 62.48 47.42 -21.11
CA VAL E 66 62.36 46.67 -22.35
C VAL E 66 63.68 46.55 -23.08
N GLN E 67 64.63 47.46 -22.80
CA GLN E 67 65.94 47.36 -23.44
C GLN E 67 66.78 46.26 -22.81
N ALA E 68 66.51 45.92 -21.54
CA ALA E 68 67.22 44.83 -20.89
C ALA E 68 66.65 43.46 -21.22
N LEU E 69 65.41 43.41 -21.73
CA LEU E 69 64.75 42.15 -22.06
C LEU E 69 64.50 41.98 -23.54
N SER E 70 64.94 42.92 -24.38
CA SER E 70 64.70 42.83 -25.82
C SER E 70 65.49 41.72 -26.47
N GLN E 71 66.61 41.32 -25.88
CA GLN E 71 67.46 40.26 -26.42
C GLN E 71 67.26 38.93 -25.71
N GLN E 72 66.18 38.79 -24.93
CA GLN E 72 65.96 37.60 -24.12
C GLN E 72 65.45 36.42 -24.94
N THR E 73 65.30 36.57 -26.25
CA THR E 73 64.81 35.50 -27.13
C THR E 73 63.45 34.97 -26.68
N LEU E 74 62.65 35.83 -26.04
CA LEU E 74 61.36 35.46 -25.52
C LEU E 74 60.48 36.70 -25.55
N PRO E 75 59.22 36.58 -25.95
CA PRO E 75 58.37 37.77 -26.08
C PRO E 75 58.19 38.50 -24.76
N ILE E 76 58.00 39.82 -24.87
CA ILE E 76 57.74 40.68 -23.73
C ILE E 76 56.32 41.23 -23.85
N LEU E 77 55.62 41.31 -22.72
CA LEU E 77 54.23 41.75 -22.70
C LEU E 77 54.10 43.01 -21.84
N THR E 78 53.20 43.90 -22.26
CA THR E 78 52.88 45.13 -21.54
C THR E 78 51.37 45.24 -21.43
N THR E 79 50.86 45.20 -20.21
CA THR E 79 49.42 45.20 -19.98
C THR E 79 48.94 46.59 -19.55
N ARG E 80 47.69 46.90 -19.91
CA ARG E 80 47.04 48.17 -19.55
C ARG E 80 47.86 49.36 -20.03
N LEU E 81 48.08 49.39 -21.35
CA LEU E 81 48.85 50.45 -22.00
C LEU E 81 47.88 51.36 -22.75
N SER E 82 47.85 52.63 -22.39
CA SER E 82 46.98 53.58 -23.06
C SER E 82 47.41 53.79 -24.51
N ALA E 83 46.47 54.27 -25.32
CA ALA E 83 46.77 54.52 -26.73
C ALA E 83 47.77 55.65 -26.90
N GLU E 84 47.76 56.64 -25.99
CA GLU E 84 48.74 57.71 -26.07
C GLU E 84 50.12 57.24 -25.62
N LYS E 85 50.18 56.23 -24.76
CA LYS E 85 51.46 55.73 -24.29
C LYS E 85 52.17 54.89 -25.33
N PHE E 86 51.44 54.32 -26.28
CA PHE E 86 52.09 53.59 -27.36
C PHE E 86 52.54 54.53 -28.49
N ALA E 87 51.76 55.58 -28.75
CA ALA E 87 52.14 56.54 -29.78
C ALA E 87 53.44 57.26 -29.41
N ALA E 88 53.64 57.52 -28.12
CA ALA E 88 54.86 58.17 -27.67
C ALA E 88 56.05 57.23 -27.59
N LEU E 89 55.83 55.92 -27.68
CA LEU E 89 56.91 54.94 -27.58
C LEU E 89 56.96 53.98 -28.76
N GLN E 90 56.19 54.23 -29.82
CA GLN E 90 56.30 53.43 -31.03
C GLN E 90 57.64 53.66 -31.72
N PRO E 91 58.12 54.91 -31.87
CA PRO E 91 59.44 55.08 -32.48
C PRO E 91 60.58 54.50 -31.66
N ALA E 92 60.44 54.46 -30.33
CA ALA E 92 61.49 53.87 -29.49
C ALA E 92 61.55 52.36 -29.61
N LEU E 93 60.45 51.72 -30.04
CA LEU E 93 60.38 50.27 -30.19
C LEU E 93 59.86 49.95 -31.58
N PRO E 94 60.75 49.73 -32.55
CA PRO E 94 60.27 49.42 -33.91
C PRO E 94 59.65 48.03 -34.01
N THR E 95 60.06 47.09 -33.20
CA THR E 95 59.55 45.71 -33.24
C THR E 95 58.46 45.49 -32.20
N ALA E 96 57.45 46.36 -32.20
CA ALA E 96 56.36 46.28 -31.24
C ALA E 96 55.03 46.38 -31.98
N VAL E 97 54.08 45.53 -31.61
CA VAL E 97 52.73 45.54 -32.15
C VAL E 97 51.77 45.93 -31.04
N TYR E 98 50.75 46.71 -31.39
CA TYR E 98 49.82 47.26 -30.41
C TYR E 98 48.41 46.75 -30.69
N HIS E 99 47.67 46.50 -29.61
CA HIS E 99 46.26 46.14 -29.68
C HIS E 99 45.48 47.20 -28.90
N ALA E 100 44.74 48.04 -29.63
CA ALA E 100 44.08 49.19 -29.00
C ALA E 100 42.99 48.75 -28.03
N THR E 101 42.13 47.82 -28.46
CA THR E 101 41.05 47.37 -27.59
C THR E 101 41.58 46.66 -26.36
N ALA E 102 42.63 45.85 -26.52
CA ALA E 102 43.25 45.18 -25.38
C ALA E 102 44.15 46.09 -24.57
N GLN E 103 44.54 47.25 -25.11
CA GLN E 103 45.40 48.21 -24.42
C GLN E 103 46.69 47.55 -23.96
N CYS E 104 47.30 46.76 -24.84
CA CYS E 104 48.50 46.02 -24.52
C CYS E 104 49.42 45.98 -25.72
N MET E 105 50.71 45.72 -25.46
CA MET E 105 51.74 45.74 -26.48
C MET E 105 52.64 44.51 -26.32
N THR E 106 52.87 43.80 -27.42
CA THR E 106 53.76 42.66 -27.45
C THR E 106 54.87 42.90 -28.47
N VAL E 107 55.97 42.18 -28.32
CA VAL E 107 57.13 42.35 -29.20
C VAL E 107 57.53 41.01 -29.82
N GLY E 108 56.55 40.17 -30.11
CA GLY E 108 56.83 38.90 -30.74
C GLY E 108 55.73 37.89 -30.48
N GLU E 109 55.69 36.87 -31.34
CA GLU E 109 54.73 35.78 -31.24
C GLU E 109 55.46 34.50 -30.86
N GLN E 110 54.96 33.81 -29.86
CA GLN E 110 55.57 32.56 -29.39
C GLN E 110 55.07 31.39 -30.21
N PRO E 111 55.65 30.21 -29.99
CA PRO E 111 55.27 29.05 -30.81
C PRO E 111 53.94 28.44 -30.42
N ALA E 112 53.67 27.24 -30.94
CA ALA E 112 52.43 26.49 -30.73
C ALA E 112 51.20 27.27 -31.19
N PRO E 113 51.10 27.63 -32.47
CA PRO E 113 49.89 28.33 -32.93
C PRO E 113 48.73 27.36 -33.25
N PRO E 116 48.76 22.72 -28.84
CA PRO E 116 48.20 21.40 -28.55
C PRO E 116 46.77 21.48 -28.02
N GLY E 117 46.04 22.48 -28.46
CA GLY E 117 44.67 22.70 -28.02
C GLY E 117 44.31 24.16 -28.13
N TYR E 118 43.00 24.42 -28.12
CA TYR E 118 42.48 25.77 -28.26
C TYR E 118 41.60 26.10 -27.07
N ILE E 119 41.78 27.30 -26.52
CA ILE E 119 40.95 27.80 -25.44
C ILE E 119 39.98 28.82 -25.99
N ALA E 120 38.77 28.85 -25.43
CA ALA E 120 37.69 29.69 -25.93
C ALA E 120 37.51 30.91 -25.05
N VAL E 121 37.56 32.09 -25.67
CA VAL E 121 37.31 33.36 -24.99
C VAL E 121 35.88 33.78 -25.31
N VAL E 122 35.00 33.69 -24.32
CA VAL E 122 33.58 33.95 -24.48
C VAL E 122 33.23 35.23 -23.73
N THR E 123 32.51 36.13 -24.39
CA THR E 123 32.05 37.36 -23.76
C THR E 123 30.56 37.55 -24.02
N ALA E 124 29.88 38.17 -23.06
CA ALA E 124 28.43 38.28 -23.12
C ALA E 124 28.00 39.35 -24.12
N GLY E 125 28.51 40.57 -23.98
CA GLY E 125 28.14 41.66 -24.85
C GLY E 125 29.37 42.30 -25.47
N THR E 126 29.10 43.25 -26.38
CA THR E 126 30.16 43.98 -27.05
C THR E 126 30.85 45.00 -26.15
N SER E 127 30.31 45.26 -24.96
CA SER E 127 30.91 46.20 -24.03
C SER E 127 32.04 45.60 -23.21
N ASP E 128 32.26 44.29 -23.29
CA ASP E 128 33.34 43.63 -22.58
C ASP E 128 34.50 43.26 -23.49
N GLN E 129 34.46 43.64 -24.76
CA GLN E 129 35.55 43.31 -25.68
C GLN E 129 36.90 43.84 -25.24
N PRO E 130 37.04 45.05 -24.66
CA PRO E 130 38.36 45.47 -24.15
C PRO E 130 38.96 44.49 -23.16
N VAL E 131 38.24 44.18 -22.08
CA VAL E 131 38.76 43.25 -21.09
C VAL E 131 38.85 41.84 -21.67
N ALA E 132 37.95 41.48 -22.57
CA ALA E 132 38.00 40.15 -23.19
C ALA E 132 39.21 40.03 -24.12
N GLU E 133 39.48 41.06 -24.91
CA GLU E 133 40.64 41.01 -25.80
C GLU E 133 41.95 41.03 -25.02
N GLU E 134 41.97 41.69 -23.86
CA GLU E 134 43.15 41.62 -23.00
C GLU E 134 43.48 40.18 -22.66
N ALA E 135 42.47 39.38 -22.34
CA ALA E 135 42.70 37.97 -22.02
C ALA E 135 43.04 37.15 -23.26
N ALA E 136 42.60 37.61 -24.44
CA ALA E 136 42.78 36.81 -25.66
C ALA E 136 44.23 36.83 -26.13
N VAL E 137 44.82 38.02 -26.25
CA VAL E 137 46.15 38.13 -26.82
C VAL E 137 47.22 37.64 -25.84
N THR E 138 47.01 37.83 -24.54
CA THR E 138 47.98 37.34 -23.57
C THR E 138 47.96 35.83 -23.46
N ALA E 139 46.85 35.19 -23.83
CA ALA E 139 46.83 33.73 -23.91
C ALA E 139 47.56 33.22 -25.14
N GLU E 140 47.60 34.02 -26.21
CA GLU E 140 48.35 33.63 -27.39
C GLU E 140 49.85 33.83 -27.21
N THR E 141 50.24 34.87 -26.46
CA THR E 141 51.65 35.10 -26.19
C THR E 141 52.26 33.94 -25.40
N PHE E 142 51.48 33.31 -24.52
CA PHE E 142 51.97 32.18 -23.76
C PHE E 142 51.96 30.88 -24.57
N GLY E 143 51.44 30.90 -25.80
CA GLY E 143 51.55 29.75 -26.67
C GLY E 143 50.32 28.88 -26.76
N ASN E 144 49.14 29.47 -26.71
CA ASN E 144 47.88 28.74 -26.82
C ASN E 144 47.04 29.37 -27.92
N ARG E 145 46.61 28.55 -28.87
CA ARG E 145 45.63 29.01 -29.84
C ARG E 145 44.32 29.34 -29.13
N VAL E 146 43.76 30.51 -29.44
CA VAL E 146 42.53 30.94 -28.79
C VAL E 146 41.46 31.13 -29.86
N GLU E 147 40.20 31.02 -29.44
CA GLU E 147 39.06 31.19 -30.33
C GLU E 147 38.09 32.17 -29.69
N ARG E 148 37.74 33.22 -30.44
CA ARG E 148 36.90 34.29 -29.92
C ARG E 148 35.44 33.99 -30.21
N VAL E 149 34.62 33.94 -29.16
CA VAL E 149 33.17 33.79 -29.26
C VAL E 149 32.57 35.00 -28.58
N TYR E 150 32.25 36.03 -29.36
CA TYR E 150 31.87 37.33 -28.83
C TYR E 150 30.38 37.61 -29.03
N ASP E 151 29.83 38.40 -28.12
CA ASP E 151 28.43 38.85 -28.16
C ASP E 151 27.47 37.66 -28.21
N VAL E 152 27.44 36.93 -27.10
CA VAL E 152 26.59 35.74 -26.97
C VAL E 152 25.91 35.75 -25.60
N GLY E 153 25.26 36.86 -25.27
CA GLY E 153 24.59 36.95 -23.99
C GLY E 153 23.40 36.01 -23.88
N VAL E 154 22.95 35.82 -22.63
CA VAL E 154 21.84 34.92 -22.38
C VAL E 154 20.52 35.47 -22.92
N ALA E 155 20.42 36.79 -23.09
CA ALA E 155 19.26 37.40 -23.73
C ALA E 155 19.29 37.03 -25.21
N GLY E 156 18.44 36.10 -25.60
CA GLY E 156 18.56 35.50 -26.92
C GLY E 156 19.62 34.41 -26.92
N ILE E 157 19.36 33.35 -26.16
CA ILE E 157 20.36 32.31 -25.93
C ILE E 157 20.73 31.57 -27.22
N HIS E 158 19.93 31.71 -28.29
CA HIS E 158 20.21 31.00 -29.52
C HIS E 158 21.55 31.39 -30.13
N ARG E 159 22.01 32.62 -29.87
CA ARG E 159 23.33 33.03 -30.36
C ARG E 159 24.43 32.20 -29.73
N LEU E 160 24.28 31.85 -28.45
CA LEU E 160 25.21 30.90 -27.85
C LEU E 160 25.05 29.52 -28.44
N PHE E 161 23.80 29.09 -28.68
CA PHE E 161 23.55 27.82 -29.34
C PHE E 161 24.06 27.81 -30.77
N ALA E 162 24.19 28.99 -31.39
CA ALA E 162 24.76 29.04 -32.74
C ALA E 162 26.26 28.77 -32.70
N LYS E 163 26.96 29.33 -31.72
CA LYS E 163 28.39 29.11 -31.55
C LYS E 163 28.69 28.10 -30.44
N LEU E 164 27.77 27.17 -30.21
CA LEU E 164 27.93 26.19 -29.13
C LEU E 164 28.92 25.09 -29.47
N ASP E 165 29.17 24.84 -30.76
CA ASP E 165 30.04 23.73 -31.13
C ASP E 165 31.51 24.02 -30.83
N VAL E 166 31.92 25.29 -30.93
CA VAL E 166 33.33 25.62 -30.74
C VAL E 166 33.71 25.54 -29.27
N ILE E 167 32.80 25.93 -28.38
CA ILE E 167 33.12 26.00 -26.96
C ILE E 167 33.21 24.62 -26.33
N ARG E 168 32.42 23.66 -26.82
CA ARG E 168 32.29 22.37 -26.14
C ARG E 168 33.61 21.62 -26.10
N GLY E 169 34.33 21.58 -27.22
CA GLY E 169 35.57 20.83 -27.28
C GLY E 169 36.82 21.66 -27.11
N ALA E 170 36.76 22.69 -26.26
CA ALA E 170 37.87 23.60 -26.04
C ALA E 170 38.53 23.26 -24.70
N ARG E 171 39.87 23.18 -24.70
CA ARG E 171 40.61 22.76 -23.52
C ARG E 171 40.23 23.58 -22.28
N VAL E 172 40.33 24.90 -22.37
CA VAL E 172 39.93 25.80 -21.30
C VAL E 172 38.97 26.83 -21.88
N VAL E 173 38.06 27.32 -21.05
CA VAL E 173 37.07 28.31 -21.46
C VAL E 173 37.10 29.47 -20.49
N ILE E 174 37.24 30.68 -21.02
CA ILE E 174 37.22 31.90 -20.21
C ILE E 174 35.98 32.69 -20.60
N VAL E 175 35.11 32.95 -19.63
CA VAL E 175 33.90 33.72 -19.83
C VAL E 175 34.10 35.10 -19.22
N ILE E 176 33.90 36.13 -20.03
CA ILE E 176 34.01 37.52 -19.60
C ILE E 176 32.63 38.14 -19.71
N ALA E 177 32.12 38.67 -18.59
CA ALA E 177 30.76 39.20 -18.61
C ALA E 177 30.59 40.23 -17.52
N GLY E 178 29.69 41.18 -17.77
CA GLY E 178 29.26 42.14 -16.78
C GLY E 178 27.75 42.13 -16.64
N MET E 179 27.21 43.05 -15.84
CA MET E 179 25.77 43.12 -15.54
C MET E 179 25.34 41.73 -15.06
N GLU E 180 24.30 41.14 -15.63
CA GLU E 180 23.92 39.78 -15.28
C GLU E 180 24.97 38.82 -15.82
N GLY E 181 25.94 38.47 -14.96
CA GLY E 181 26.97 37.52 -15.34
C GLY E 181 26.46 36.10 -15.40
N ALA E 182 25.28 35.91 -15.98
CA ALA E 182 24.66 34.60 -16.06
C ALA E 182 25.36 33.68 -17.04
N LEU E 183 26.15 34.23 -17.96
CA LEU E 183 26.77 33.42 -19.01
C LEU E 183 27.71 32.37 -18.43
N ALA E 184 28.33 32.64 -17.29
CA ALA E 184 29.25 31.68 -16.69
C ALA E 184 28.52 30.42 -16.27
N SER E 185 27.42 30.57 -15.51
CA SER E 185 26.74 29.41 -14.95
C SER E 185 26.14 28.52 -16.03
N VAL E 186 25.60 29.12 -17.10
CA VAL E 186 25.02 28.32 -18.17
C VAL E 186 26.11 27.64 -18.99
N VAL E 187 27.23 28.34 -19.20
CA VAL E 187 28.36 27.73 -19.92
C VAL E 187 28.95 26.59 -19.11
N GLY E 188 28.92 26.69 -17.77
CA GLY E 188 29.46 25.63 -16.93
C GLY E 188 28.69 24.33 -17.06
N GLY E 189 27.38 24.40 -17.26
CA GLY E 189 26.57 23.20 -17.41
C GLY E 189 26.57 22.62 -18.81
N LEU E 190 27.13 23.34 -19.79
CA LEU E 190 27.21 22.87 -21.16
C LEU E 190 28.60 22.43 -21.58
N VAL E 191 29.60 22.60 -20.72
CA VAL E 191 30.99 22.26 -21.03
C VAL E 191 31.55 21.44 -19.89
N ASP E 192 32.22 20.34 -20.21
CA ASP E 192 32.90 19.54 -19.20
C ASP E 192 34.41 19.69 -19.32
N LYS E 193 34.88 20.93 -19.35
CA LYS E 193 36.29 21.28 -19.31
C LYS E 193 36.41 22.58 -18.53
N PRO E 194 37.52 22.79 -17.82
CA PRO E 194 37.58 23.85 -16.81
C PRO E 194 37.28 25.23 -17.38
N VAL E 195 36.52 26.02 -16.61
CA VAL E 195 36.07 27.34 -17.03
C VAL E 195 36.51 28.36 -16.00
N ILE E 196 37.15 29.43 -16.46
CA ILE E 196 37.53 30.55 -15.61
C ILE E 196 36.55 31.70 -15.87
N ALA E 197 36.19 32.41 -14.81
CA ALA E 197 35.22 33.50 -14.89
C ALA E 197 35.86 34.81 -14.49
N VAL E 198 35.52 35.88 -15.22
CA VAL E 198 36.10 37.20 -15.00
C VAL E 198 34.98 38.24 -15.01
N PRO E 199 34.79 39.01 -13.94
CA PRO E 199 33.85 40.12 -13.99
C PRO E 199 34.49 41.37 -14.57
N THR E 200 33.63 42.31 -14.96
CA THR E 200 34.07 43.55 -15.61
C THR E 200 33.60 44.76 -14.81
N SER E 201 34.43 45.81 -14.82
CA SER E 201 34.16 47.01 -14.04
C SER E 201 33.13 47.92 -14.69
N VAL E 202 32.79 47.70 -15.96
CA VAL E 202 31.77 48.53 -16.60
C VAL E 202 30.46 48.41 -15.83
N GLY E 203 29.75 49.52 -15.69
CA GLY E 203 28.51 49.52 -14.95
C GLY E 203 28.13 50.91 -14.51
N TYR E 204 26.91 51.00 -13.96
CA TYR E 204 26.39 52.29 -13.54
C TYR E 204 25.91 52.27 -12.10
N GLY E 205 24.72 51.71 -11.88
CA GLY E 205 24.04 51.74 -10.62
C GLY E 205 24.25 50.45 -9.85
N THR E 206 23.30 49.51 -9.93
CA THR E 206 23.37 48.25 -9.20
C THR E 206 24.55 47.37 -9.61
N SER E 207 25.29 47.75 -10.65
CA SER E 207 26.47 46.98 -11.06
C SER E 207 27.55 47.01 -9.99
N PHE E 208 27.61 48.08 -9.18
CA PHE E 208 28.59 48.22 -8.11
C PHE E 208 30.02 48.08 -8.64
N GLN E 209 30.29 48.73 -9.77
CA GLN E 209 31.57 48.60 -10.48
C GLN E 209 31.88 47.15 -10.83
N GLY E 210 30.84 46.36 -11.15
CA GLY E 210 31.02 44.96 -11.46
C GLY E 210 31.13 44.04 -10.26
N MET E 211 30.91 44.55 -9.04
CA MET E 211 30.99 43.70 -7.87
C MET E 211 29.89 42.66 -7.86
N THR E 212 28.67 43.04 -8.28
CA THR E 212 27.59 42.07 -8.37
C THR E 212 27.89 41.00 -9.41
N ALA E 213 28.55 41.35 -10.50
CA ALA E 213 28.94 40.36 -11.49
C ALA E 213 29.94 39.37 -10.91
N LEU E 214 30.81 39.82 -10.00
CA LEU E 214 31.76 38.92 -9.37
C LEU E 214 31.05 37.91 -8.48
N LEU E 215 30.14 38.39 -7.62
CA LEU E 215 29.47 37.50 -6.67
C LEU E 215 28.61 36.46 -7.38
N THR E 216 27.90 36.93 -8.39
CA THR E 216 26.98 36.12 -9.21
C THR E 216 27.71 34.94 -9.83
N MET E 217 28.98 35.10 -10.18
CA MET E 217 29.70 33.90 -10.69
C MET E 217 30.57 33.38 -9.58
N LEU E 218 30.84 34.19 -8.55
CA LEU E 218 31.64 33.67 -7.42
C LEU E 218 30.84 32.53 -6.85
N ASN E 219 29.54 32.71 -6.59
CA ASN E 219 28.75 31.51 -6.25
C ASN E 219 28.29 30.94 -7.58
N SER E 220 29.19 30.20 -8.22
CA SER E 220 29.00 29.56 -9.53
C SER E 220 27.97 28.49 -9.27
N CYS E 221 26.99 28.28 -10.31
CA CYS E 221 25.81 27.41 -10.20
C CYS E 221 26.13 25.98 -10.61
N ALA E 222 27.43 25.69 -11.15
CA ALA E 222 27.78 24.36 -11.67
C ALA E 222 29.24 24.09 -11.33
N SER E 223 29.46 23.25 -10.33
CA SER E 223 30.79 22.84 -9.79
C SER E 223 31.83 22.79 -10.92
N GLY E 224 32.86 23.63 -10.82
CA GLY E 224 33.91 23.66 -11.84
C GLY E 224 33.91 24.95 -12.60
N ILE E 225 33.83 26.06 -11.88
CA ILE E 225 33.86 27.44 -12.44
C ILE E 225 34.58 28.23 -11.36
N THR E 226 35.78 28.67 -11.67
CA THR E 226 36.66 29.40 -10.75
C THR E 226 36.82 30.82 -11.26
N VAL E 227 36.59 31.78 -10.39
CA VAL E 227 36.54 33.19 -10.75
C VAL E 227 37.82 33.87 -10.27
N VAL E 228 38.17 34.97 -10.94
CA VAL E 228 39.30 35.79 -10.52
C VAL E 228 38.85 37.23 -10.31
N ASN E 229 39.80 38.13 -10.11
CA ASN E 229 39.50 39.52 -9.79
C ASN E 229 38.84 40.22 -10.96
N ILE E 230 38.23 41.37 -10.68
CA ILE E 230 37.53 42.14 -11.69
C ILE E 230 38.53 42.68 -12.70
N ASP E 231 38.15 42.65 -13.98
CA ASP E 231 38.95 43.16 -15.09
C ASP E 231 40.26 42.41 -15.27
N ASN E 232 40.47 41.35 -14.49
CA ASN E 232 41.74 40.62 -14.52
C ASN E 232 41.71 39.53 -15.59
N GLY E 233 41.59 39.97 -16.84
CA GLY E 233 41.70 39.04 -17.95
C GLY E 233 43.07 38.43 -18.09
N PHE E 234 44.09 39.08 -17.55
CA PHE E 234 45.45 38.54 -17.63
C PHE E 234 45.59 37.28 -16.79
N GLY E 235 45.23 37.36 -15.50
CA GLY E 235 45.39 36.22 -14.62
C GLY E 235 44.56 35.02 -15.03
N ALA E 236 43.41 35.26 -15.66
CA ALA E 236 42.60 34.15 -16.16
C ALA E 236 43.28 33.46 -17.32
N ALA E 237 43.86 34.23 -18.24
CA ALA E 237 44.60 33.63 -19.35
C ALA E 237 45.95 33.09 -18.91
N TYR E 238 46.51 33.64 -17.82
CA TYR E 238 47.70 33.03 -17.23
C TYR E 238 47.39 31.63 -16.72
N SER E 239 46.26 31.47 -16.04
CA SER E 239 45.86 30.14 -15.57
C SER E 239 45.42 29.26 -16.74
N ALA E 240 44.68 29.82 -17.70
CA ALA E 240 44.25 29.05 -18.85
C ALA E 240 45.43 28.57 -19.69
N SER E 241 46.55 29.29 -19.62
CA SER E 241 47.75 28.83 -20.31
C SER E 241 48.37 27.64 -19.60
N MET E 242 48.44 27.69 -18.26
CA MET E 242 48.99 26.58 -17.50
C MET E 242 48.22 25.29 -17.75
N VAL E 243 46.89 25.38 -17.76
CA VAL E 243 46.06 24.18 -17.90
C VAL E 243 46.22 23.57 -19.29
N ASN E 244 46.23 24.40 -20.34
CA ASN E 244 46.37 23.88 -21.69
C ASN E 244 47.73 23.20 -21.89
N GLN E 245 48.77 23.71 -21.23
CA GLN E 245 50.09 23.09 -21.28
C GLN E 245 50.22 22.02 -20.20
N MET E 246 49.35 21.02 -20.30
CA MET E 246 49.29 19.94 -19.31
C MET E 246 48.56 18.73 -19.86
N ARG F 44 9.03 -26.45 10.01
CA ARG F 44 8.42 -26.01 8.77
C ARG F 44 7.36 -24.94 9.02
N ARG F 45 7.26 -23.98 8.10
CA ARG F 45 6.26 -22.92 8.22
C ARG F 45 4.87 -23.47 7.96
N ASN F 46 3.93 -23.09 8.82
CA ASN F 46 2.56 -23.59 8.74
C ASN F 46 1.57 -22.52 8.30
N GLY F 47 2.05 -21.47 7.65
CA GLY F 47 1.21 -20.37 7.21
C GLY F 47 1.23 -19.14 8.08
N PHE F 48 2.35 -18.86 8.75
CA PHE F 48 2.41 -17.72 9.65
C PHE F 48 3.14 -16.55 8.99
N PRO F 49 2.60 -15.33 9.10
CA PRO F 49 3.37 -14.15 8.71
C PRO F 49 4.56 -13.93 9.63
N GLU F 50 5.50 -13.14 9.16
CA GLU F 50 6.72 -12.87 9.92
C GLU F 50 6.51 -11.68 10.86
N VAL F 51 7.17 -11.75 12.02
CA VAL F 51 7.00 -10.77 13.09
C VAL F 51 8.38 -10.33 13.56
N ILE F 52 8.53 -9.02 13.78
CA ILE F 52 9.79 -8.45 14.28
C ILE F 52 9.46 -7.57 15.48
N TYR F 53 10.25 -7.70 16.54
CA TYR F 53 10.13 -6.83 17.71
C TYR F 53 10.79 -5.50 17.38
N GLY F 54 9.97 -4.51 17.02
CA GLY F 54 10.46 -3.22 16.56
C GLY F 54 11.15 -2.39 17.62
N ALA F 55 10.97 -2.71 18.91
CA ALA F 55 11.59 -1.93 19.98
C ALA F 55 13.03 -2.35 20.26
N GLY F 56 13.40 -3.59 19.97
CA GLY F 56 14.75 -4.06 20.28
C GLY F 56 15.78 -3.75 19.22
N LYS F 57 15.36 -3.46 18.00
CA LYS F 57 16.27 -3.22 16.89
C LYS F 57 16.40 -1.74 16.58
N THR F 58 17.37 -1.41 15.73
CA THR F 58 17.60 -0.04 15.31
C THR F 58 16.80 0.25 14.03
N ALA F 59 16.92 1.49 13.54
CA ALA F 59 16.12 1.92 12.40
C ALA F 59 16.53 1.24 11.09
N THR F 60 17.77 0.74 11.00
CA THR F 60 18.23 0.07 9.80
C THR F 60 18.24 -1.45 9.94
N GLN F 61 18.27 -1.98 11.17
CA GLN F 61 18.30 -3.42 11.35
C GLN F 61 16.97 -4.05 10.95
N ILE F 62 15.87 -3.33 11.07
CA ILE F 62 14.58 -3.89 10.70
C ILE F 62 14.35 -3.79 9.19
N VAL F 63 14.91 -2.79 8.52
CA VAL F 63 14.82 -2.75 7.07
C VAL F 63 15.82 -3.71 6.43
N GLY F 64 16.85 -4.11 7.17
CA GLY F 64 17.71 -5.18 6.72
C GLY F 64 17.08 -6.55 6.83
N ILE F 65 16.06 -6.69 7.69
CA ILE F 65 15.34 -7.95 7.79
C ILE F 65 14.08 -7.95 6.94
N VAL F 66 13.54 -6.78 6.58
CA VAL F 66 12.38 -6.71 5.71
C VAL F 66 12.78 -7.02 4.27
N GLN F 67 13.83 -6.37 3.78
CA GLN F 67 14.29 -6.60 2.41
C GLN F 67 14.91 -7.99 2.25
N ALA F 68 15.40 -8.59 3.34
CA ALA F 68 15.85 -9.97 3.28
C ALA F 68 14.71 -10.96 3.24
N LEU F 69 13.51 -10.55 3.66
CA LEU F 69 12.32 -11.38 3.59
C LEU F 69 11.38 -10.95 2.47
N SER F 70 11.77 -9.98 1.65
CA SER F 70 10.94 -9.49 0.56
C SER F 70 11.02 -10.41 -0.64
N GLN F 71 10.80 -11.70 -0.44
CA GLN F 71 10.82 -12.68 -1.52
C GLN F 71 9.78 -13.78 -1.38
N GLN F 72 9.21 -13.99 -0.19
CA GLN F 72 8.23 -15.05 0.03
C GLN F 72 6.81 -14.64 -0.35
N THR F 73 6.58 -13.35 -0.65
CA THR F 73 5.28 -12.77 -0.98
C THR F 73 4.28 -12.85 0.19
N LEU F 74 4.67 -13.45 1.32
CA LEU F 74 3.86 -13.52 2.53
C LEU F 74 4.11 -12.29 3.39
N PRO F 75 3.07 -11.60 3.86
CA PRO F 75 3.28 -10.32 4.54
C PRO F 75 4.01 -10.50 5.87
N ILE F 76 4.82 -9.50 6.21
CA ILE F 76 5.55 -9.49 7.46
C ILE F 76 4.98 -8.39 8.35
N LEU F 77 5.30 -8.46 9.64
CA LEU F 77 4.76 -7.55 10.63
C LEU F 77 5.87 -7.12 11.58
N THR F 78 5.74 -5.90 12.11
CA THR F 78 6.68 -5.38 13.09
C THR F 78 5.88 -4.71 14.21
N THR F 79 6.10 -5.15 15.44
CA THR F 79 5.36 -4.66 16.59
C THR F 79 6.17 -3.64 17.38
N ARG F 80 5.45 -2.69 18.00
CA ARG F 80 5.99 -1.79 19.01
C ARG F 80 7.22 -1.04 18.52
N LEU F 81 7.07 -0.37 17.37
CA LEU F 81 8.09 0.53 16.87
C LEU F 81 7.57 1.96 16.91
N SER F 82 8.42 2.89 17.32
CA SER F 82 8.00 4.26 17.52
C SER F 82 7.78 4.97 16.19
N ALA F 83 7.03 6.07 16.25
CA ALA F 83 6.74 6.84 15.03
C ALA F 83 8.01 7.40 14.41
N GLU F 84 9.03 7.68 15.23
CA GLU F 84 10.31 8.11 14.68
C GLU F 84 11.09 6.95 14.08
N LYS F 85 10.91 5.74 14.60
CA LYS F 85 11.55 4.57 14.02
C LYS F 85 11.00 4.23 12.63
N PHE F 86 9.81 4.71 12.31
CA PHE F 86 9.24 4.54 10.97
C PHE F 86 9.46 5.75 10.07
N ALA F 87 9.58 6.94 10.65
CA ALA F 87 9.69 8.14 9.83
C ALA F 87 10.94 8.12 8.95
N ALA F 88 12.02 7.54 9.46
CA ALA F 88 13.26 7.40 8.68
C ALA F 88 13.21 6.20 7.73
N LEU F 89 12.05 5.56 7.59
CA LEU F 89 11.91 4.35 6.78
C LEU F 89 11.02 4.54 5.57
N GLN F 90 10.08 5.49 5.62
CA GLN F 90 9.14 5.71 4.52
C GLN F 90 9.81 5.78 3.16
N PRO F 91 10.98 6.39 2.99
CA PRO F 91 11.67 6.27 1.70
C PRO F 91 12.26 4.90 1.45
N ALA F 92 12.63 4.16 2.49
CA ALA F 92 13.25 2.85 2.30
C ALA F 92 12.23 1.79 1.90
N LEU F 93 10.97 1.94 2.31
CA LEU F 93 9.92 0.98 2.03
C LEU F 93 8.70 1.71 1.48
N PRO F 94 8.62 1.92 0.17
CA PRO F 94 7.42 2.55 -0.40
C PRO F 94 6.19 1.68 -0.30
N THR F 95 6.35 0.37 -0.21
CA THR F 95 5.23 -0.57 -0.11
C THR F 95 4.94 -0.98 1.33
N ALA F 96 5.05 -0.04 2.27
CA ALA F 96 4.83 -0.32 3.68
C ALA F 96 3.80 0.64 4.25
N VAL F 97 2.90 0.13 5.09
CA VAL F 97 1.85 0.92 5.72
C VAL F 97 2.05 0.86 7.23
N TYR F 98 1.79 1.98 7.90
CA TYR F 98 2.05 2.13 9.32
C TYR F 98 0.76 2.53 10.04
N HIS F 99 0.61 2.04 11.27
CA HIS F 99 -0.57 2.34 12.10
C HIS F 99 -0.08 3.01 13.37
N ALA F 100 -0.22 4.33 13.43
CA ALA F 100 0.31 5.10 14.56
C ALA F 100 -0.35 4.68 15.87
N THR F 101 -1.67 4.55 15.87
CA THR F 101 -2.37 4.13 17.08
C THR F 101 -1.90 2.74 17.53
N ALA F 102 -1.65 1.84 16.57
CA ALA F 102 -1.18 0.50 16.90
C ALA F 102 0.32 0.45 17.13
N GLN F 103 1.06 1.46 16.68
CA GLN F 103 2.52 1.49 16.76
C GLN F 103 3.15 0.28 16.06
N CYS F 104 2.52 -0.18 14.98
CA CYS F 104 2.98 -1.34 14.23
C CYS F 104 3.07 -0.98 12.75
N MET F 105 3.90 -1.75 12.04
CA MET F 105 4.09 -1.59 10.60
C MET F 105 3.98 -2.94 9.93
N THR F 106 3.19 -3.00 8.86
CA THR F 106 3.07 -4.21 8.04
C THR F 106 3.36 -3.86 6.60
N VAL F 107 4.17 -4.71 5.94
CA VAL F 107 4.55 -4.52 4.55
C VAL F 107 4.39 -5.85 3.83
N GLY F 108 3.62 -5.85 2.76
CA GLY F 108 3.41 -7.05 1.97
C GLY F 108 1.98 -7.14 1.49
N GLU F 109 1.80 -7.90 0.41
CA GLU F 109 0.47 -8.14 -0.15
C GLU F 109 -0.35 -8.97 0.84
N GLN F 110 -1.40 -8.36 1.40
CA GLN F 110 -2.21 -9.02 2.41
C GLN F 110 -3.44 -9.63 1.76
N PRO F 111 -3.53 -10.96 1.64
CA PRO F 111 -4.67 -11.57 0.94
C PRO F 111 -5.92 -11.67 1.80
N ALA F 112 -6.92 -12.41 1.31
CA ALA F 112 -8.20 -12.50 1.97
C ALA F 112 -8.07 -13.23 3.30
N PRO F 113 -9.04 -13.07 4.20
CA PRO F 113 -9.01 -13.81 5.47
C PRO F 113 -9.04 -15.31 5.26
N LYS F 114 -8.37 -16.03 6.15
CA LYS F 114 -8.26 -17.48 6.03
C LYS F 114 -9.51 -18.20 6.49
N THR F 115 -10.28 -17.60 7.41
CA THR F 115 -11.48 -18.20 7.94
C THR F 115 -12.60 -17.17 7.97
N PRO F 116 -13.85 -17.58 7.79
CA PRO F 116 -14.95 -16.62 7.79
C PRO F 116 -15.30 -16.09 9.17
N GLY F 117 -14.87 -16.75 10.24
CA GLY F 117 -15.15 -16.26 11.57
C GLY F 117 -14.42 -14.96 11.88
N TYR F 118 -14.97 -14.23 12.85
CA TYR F 118 -14.42 -12.94 13.24
C TYR F 118 -14.19 -12.92 14.74
N ILE F 119 -13.11 -12.24 15.16
CA ILE F 119 -12.80 -12.08 16.58
C ILE F 119 -13.15 -10.65 16.97
N ALA F 120 -13.52 -10.47 18.23
CA ALA F 120 -13.96 -9.18 18.74
C ALA F 120 -12.93 -8.61 19.70
N VAL F 121 -12.48 -7.38 19.43
CA VAL F 121 -11.53 -6.67 20.27
C VAL F 121 -12.30 -5.63 21.07
N VAL F 122 -12.46 -5.88 22.36
CA VAL F 122 -13.29 -5.05 23.24
C VAL F 122 -12.38 -4.20 24.11
N THR F 123 -12.69 -2.91 24.19
CA THR F 123 -11.86 -1.93 24.88
C THR F 123 -12.68 -1.21 25.95
N ALA F 124 -12.03 -0.92 27.09
CA ALA F 124 -12.73 -0.29 28.20
C ALA F 124 -12.89 1.21 27.99
N GLY F 125 -11.77 1.93 27.86
CA GLY F 125 -11.79 3.36 27.70
C GLY F 125 -10.98 3.81 26.50
N THR F 126 -11.04 5.12 26.24
CA THR F 126 -10.30 5.70 25.12
C THR F 126 -8.79 5.58 25.31
N SER F 127 -8.32 5.44 26.56
CA SER F 127 -6.90 5.38 26.83
C SER F 127 -6.28 4.02 26.52
N ASP F 128 -7.08 3.03 26.16
CA ASP F 128 -6.58 1.70 25.81
C ASP F 128 -6.59 1.45 24.31
N GLN F 129 -6.93 2.46 23.51
CA GLN F 129 -6.91 2.31 22.06
C GLN F 129 -5.56 1.90 21.50
N PRO F 130 -4.40 2.36 22.02
CA PRO F 130 -3.11 1.88 21.48
C PRO F 130 -2.94 0.36 21.51
N VAL F 131 -3.03 -0.23 22.70
CA VAL F 131 -2.78 -1.66 22.83
C VAL F 131 -3.83 -2.47 22.06
N ALA F 132 -5.09 -2.06 22.14
CA ALA F 132 -6.15 -2.79 21.43
C ALA F 132 -5.90 -2.77 19.93
N GLU F 133 -5.49 -1.62 19.38
CA GLU F 133 -5.18 -1.54 17.96
C GLU F 133 -3.92 -2.33 17.64
N GLU F 134 -2.97 -2.40 18.57
CA GLU F 134 -1.82 -3.29 18.38
C GLU F 134 -2.27 -4.74 18.23
N ALA F 135 -3.26 -5.15 19.02
CA ALA F 135 -3.79 -6.50 18.90
C ALA F 135 -4.64 -6.67 17.66
N ALA F 136 -5.42 -5.64 17.30
CA ALA F 136 -6.33 -5.76 16.17
C ALA F 136 -5.57 -5.83 14.85
N VAL F 137 -4.57 -4.97 14.66
CA VAL F 137 -3.84 -4.94 13.40
C VAL F 137 -2.98 -6.19 13.24
N THR F 138 -2.47 -6.74 14.35
CA THR F 138 -1.72 -7.99 14.24
C THR F 138 -2.66 -9.19 14.12
N ALA F 139 -3.87 -9.10 14.68
CA ALA F 139 -4.84 -10.19 14.49
C ALA F 139 -5.32 -10.26 13.05
N GLU F 140 -5.40 -9.11 12.37
CA GLU F 140 -5.84 -9.10 10.98
C GLU F 140 -4.74 -9.60 10.05
N THR F 141 -3.47 -9.36 10.39
CA THR F 141 -2.38 -9.76 9.52
C THR F 141 -2.31 -11.28 9.38
N PHE F 142 -2.55 -12.00 10.47
CA PHE F 142 -2.56 -13.46 10.42
C PHE F 142 -3.70 -14.01 9.56
N GLY F 143 -4.66 -13.18 9.17
CA GLY F 143 -5.70 -13.61 8.25
C GLY F 143 -7.06 -13.83 8.87
N ASN F 144 -7.42 -12.99 9.83
CA ASN F 144 -8.71 -13.07 10.49
C ASN F 144 -9.49 -11.77 10.27
N ARG F 145 -10.82 -11.90 10.22
CA ARG F 145 -11.68 -10.73 10.33
C ARG F 145 -11.82 -10.37 11.80
N VAL F 146 -11.89 -9.06 12.07
CA VAL F 146 -11.95 -8.58 13.45
C VAL F 146 -12.95 -7.43 13.52
N GLU F 147 -13.91 -7.54 14.43
CA GLU F 147 -14.92 -6.47 14.60
C GLU F 147 -14.57 -5.75 15.89
N ARG F 148 -14.13 -4.52 15.80
CA ARG F 148 -13.71 -3.73 16.95
C ARG F 148 -14.92 -3.21 17.71
N VAL F 149 -14.84 -3.26 19.03
CA VAL F 149 -15.88 -2.77 19.93
C VAL F 149 -15.19 -1.94 21.00
N TYR F 150 -15.14 -0.62 20.79
CA TYR F 150 -14.35 0.27 21.63
C TYR F 150 -15.25 1.11 22.55
N ASP F 151 -14.63 1.62 23.61
CA ASP F 151 -15.28 2.48 24.60
C ASP F 151 -16.53 1.80 25.18
N VAL F 152 -16.27 0.69 25.87
CA VAL F 152 -17.32 -0.17 26.39
C VAL F 152 -17.06 -0.42 27.87
N GLY F 153 -16.68 0.62 28.59
CA GLY F 153 -16.33 0.49 29.99
C GLY F 153 -17.54 0.20 30.87
N VAL F 154 -17.24 -0.22 32.10
CA VAL F 154 -18.30 -0.50 33.05
C VAL F 154 -18.99 0.78 33.49
N ALA F 155 -18.29 1.92 33.41
CA ALA F 155 -18.91 3.21 33.61
C ALA F 155 -19.86 3.49 32.45
N GLY F 156 -21.10 3.03 32.58
CA GLY F 156 -22.04 3.06 31.47
C GLY F 156 -22.15 1.70 30.82
N ILE F 157 -22.66 0.72 31.59
CA ILE F 157 -22.71 -0.65 31.12
C ILE F 157 -23.66 -0.84 29.95
N HIS F 158 -24.60 0.10 29.76
CA HIS F 158 -25.54 -0.01 28.64
C HIS F 158 -24.83 -0.02 27.30
N ARG F 159 -23.66 0.61 27.22
CA ARG F 159 -22.87 0.56 26.00
C ARG F 159 -22.41 -0.87 25.69
N LEU F 160 -22.23 -1.69 26.73
CA LEU F 160 -21.87 -3.09 26.51
C LEU F 160 -23.06 -3.91 26.04
N PHE F 161 -24.23 -3.67 26.62
CA PHE F 161 -25.42 -4.39 26.19
C PHE F 161 -25.87 -3.96 24.80
N ALA F 162 -25.43 -2.79 24.34
CA ALA F 162 -25.76 -2.37 22.98
C ALA F 162 -25.07 -3.25 21.94
N LYS F 163 -23.76 -3.45 22.11
CA LYS F 163 -22.97 -4.25 21.17
C LYS F 163 -22.74 -5.68 21.68
N LEU F 164 -23.60 -6.17 22.57
CA LEU F 164 -23.45 -7.54 23.06
C LEU F 164 -23.73 -8.57 21.97
N ASP F 165 -24.67 -8.28 21.07
CA ASP F 165 -24.97 -9.21 20.00
C ASP F 165 -23.77 -9.43 19.09
N VAL F 166 -23.04 -8.36 18.78
CA VAL F 166 -21.84 -8.49 17.95
C VAL F 166 -20.76 -9.27 18.68
N ILE F 167 -20.60 -9.03 19.98
CA ILE F 167 -19.55 -9.67 20.75
C ILE F 167 -19.84 -11.16 20.93
N ARG F 168 -21.10 -11.51 21.22
CA ARG F 168 -21.42 -12.89 21.54
C ARG F 168 -21.33 -13.79 20.32
N GLY F 169 -21.58 -13.26 19.12
CA GLY F 169 -21.56 -14.07 17.92
C GLY F 169 -20.20 -14.19 17.26
N ALA F 170 -19.14 -13.95 18.02
CA ALA F 170 -17.77 -14.01 17.51
C ALA F 170 -17.09 -15.28 17.99
N ARG F 171 -16.16 -15.77 17.16
CA ARG F 171 -15.48 -17.03 17.47
C ARG F 171 -14.71 -16.92 18.77
N VAL F 172 -13.94 -15.84 18.93
CA VAL F 172 -13.27 -15.51 20.19
C VAL F 172 -13.47 -14.03 20.46
N VAL F 173 -13.17 -13.63 21.70
CA VAL F 173 -13.26 -12.25 22.13
C VAL F 173 -12.00 -11.90 22.91
N ILE F 174 -11.39 -10.77 22.58
CA ILE F 174 -10.23 -10.25 23.32
C ILE F 174 -10.70 -9.04 24.10
N VAL F 175 -10.52 -9.08 25.42
CA VAL F 175 -10.89 -7.96 26.29
C VAL F 175 -9.62 -7.23 26.69
N ILE F 176 -9.67 -5.90 26.64
CA ILE F 176 -8.55 -5.04 26.98
C ILE F 176 -9.05 -3.97 27.94
N ALA F 177 -8.41 -3.85 29.10
CA ALA F 177 -8.85 -2.90 30.10
C ALA F 177 -7.67 -2.46 30.96
N GLY F 178 -7.80 -1.27 31.54
CA GLY F 178 -6.74 -0.70 32.36
C GLY F 178 -7.10 -0.59 33.82
N MET F 179 -7.32 0.63 34.30
CA MET F 179 -7.66 0.83 35.70
C MET F 179 -8.92 0.06 36.09
N GLU F 180 -9.89 -0.01 35.17
CA GLU F 180 -11.13 -0.74 35.40
C GLU F 180 -10.99 -2.15 34.81
N GLY F 181 -10.25 -3.00 35.52
CA GLY F 181 -10.10 -4.37 35.11
C GLY F 181 -11.35 -5.21 35.19
N ALA F 182 -12.48 -4.62 35.59
CA ALA F 182 -13.71 -5.37 35.77
C ALA F 182 -14.32 -5.82 34.44
N LEU F 183 -13.94 -5.19 33.33
CA LEU F 183 -14.61 -5.46 32.06
C LEU F 183 -14.44 -6.91 31.63
N ALA F 184 -13.27 -7.50 31.87
CA ALA F 184 -13.07 -8.90 31.54
C ALA F 184 -14.05 -9.79 32.30
N SER F 185 -14.30 -9.48 33.57
CA SER F 185 -15.22 -10.29 34.36
C SER F 185 -16.63 -10.22 33.81
N VAL F 186 -17.07 -9.02 33.40
CA VAL F 186 -18.44 -8.86 32.93
C VAL F 186 -18.63 -9.56 31.60
N VAL F 187 -17.74 -9.31 30.63
CA VAL F 187 -17.86 -9.95 29.32
C VAL F 187 -17.70 -11.46 29.45
N GLY F 188 -16.81 -11.90 30.35
CA GLY F 188 -16.59 -13.33 30.52
C GLY F 188 -17.85 -14.08 30.88
N GLY F 189 -18.57 -13.60 31.90
CA GLY F 189 -19.82 -14.21 32.28
C GLY F 189 -20.98 -13.99 31.34
N LEU F 190 -20.77 -13.21 30.27
CA LEU F 190 -21.85 -12.88 29.34
C LEU F 190 -21.65 -13.47 27.95
N VAL F 191 -20.48 -14.06 27.66
CA VAL F 191 -20.23 -14.72 26.40
C VAL F 191 -19.76 -16.14 26.68
N ASP F 192 -20.20 -17.08 25.85
CA ASP F 192 -19.81 -18.49 25.97
C ASP F 192 -18.79 -18.88 24.91
N LYS F 193 -17.86 -17.99 24.62
CA LYS F 193 -16.76 -18.20 23.70
C LYS F 193 -15.46 -17.89 24.41
N PRO F 194 -14.33 -18.43 23.95
CA PRO F 194 -13.05 -18.14 24.62
C PRO F 194 -12.75 -16.65 24.65
N VAL F 195 -12.08 -16.23 25.73
CA VAL F 195 -11.74 -14.83 25.94
C VAL F 195 -10.28 -14.73 26.33
N ILE F 196 -9.55 -13.84 25.67
CA ILE F 196 -8.18 -13.51 26.05
C ILE F 196 -8.19 -12.10 26.62
N ALA F 197 -7.83 -11.98 27.90
CA ALA F 197 -7.76 -10.68 28.56
C ALA F 197 -6.37 -10.11 28.43
N VAL F 198 -6.31 -8.79 28.20
CA VAL F 198 -5.03 -8.08 28.09
C VAL F 198 -5.07 -6.84 28.98
N PRO F 199 -4.34 -6.80 30.08
CA PRO F 199 -4.26 -5.57 30.88
C PRO F 199 -3.39 -4.52 30.20
N THR F 200 -3.65 -3.27 30.54
CA THR F 200 -2.89 -2.15 30.00
C THR F 200 -2.25 -1.35 31.13
N SER F 201 -1.13 -0.71 30.81
CA SER F 201 -0.35 0.01 31.81
C SER F 201 -0.92 1.39 32.13
N VAL F 202 -1.80 1.92 31.29
CA VAL F 202 -2.35 3.25 31.51
C VAL F 202 -3.21 3.26 32.76
N GLY F 203 -3.04 4.28 33.59
CA GLY F 203 -3.85 4.42 34.79
C GLY F 203 -3.27 5.49 35.70
N TYR F 204 -4.05 5.81 36.73
CA TYR F 204 -3.60 6.72 37.77
C TYR F 204 -2.87 5.94 38.86
N GLY F 205 -2.85 6.49 40.08
CA GLY F 205 -2.19 5.81 41.17
C GLY F 205 -2.82 4.47 41.47
N THR F 206 -2.01 3.59 42.05
CA THR F 206 -2.39 2.24 42.49
C THR F 206 -2.76 1.32 41.33
N SER F 207 -2.89 1.87 40.11
CA SER F 207 -3.03 1.02 38.94
C SER F 207 -1.78 0.18 38.70
N PHE F 208 -0.62 0.61 39.21
CA PHE F 208 0.62 -0.16 39.22
C PHE F 208 1.00 -0.61 37.81
N GLN F 209 0.92 0.33 36.87
CA GLN F 209 1.22 0.07 35.45
C GLN F 209 0.45 -1.14 34.94
N GLY F 210 -0.80 -1.26 35.39
CA GLY F 210 -1.66 -2.35 34.98
C GLY F 210 -1.52 -3.64 35.76
N MET F 211 -0.74 -3.62 36.85
CA MET F 211 -0.56 -4.85 37.62
C MET F 211 -1.85 -5.29 38.28
N THR F 212 -2.60 -4.34 38.85
CA THR F 212 -3.90 -4.69 39.43
C THR F 212 -4.85 -5.20 38.35
N ALA F 213 -4.84 -4.58 37.18
CA ALA F 213 -5.64 -5.08 36.07
C ALA F 213 -5.29 -6.52 35.74
N LEU F 214 -4.02 -6.90 35.93
CA LEU F 214 -3.62 -8.28 35.68
C LEU F 214 -4.20 -9.22 36.73
N LEU F 215 -4.14 -8.83 38.01
CA LEU F 215 -4.66 -9.68 39.07
C LEU F 215 -6.17 -9.87 38.93
N THR F 216 -6.90 -8.80 38.63
CA THR F 216 -8.35 -8.89 38.55
C THR F 216 -8.79 -9.75 37.38
N MET F 217 -8.11 -9.62 36.24
CA MET F 217 -8.40 -10.50 35.11
C MET F 217 -8.04 -11.95 35.43
N LEU F 218 -7.03 -12.15 36.29
CA LEU F 218 -6.65 -13.51 36.67
C LEU F 218 -7.70 -14.13 37.60
N ASN F 219 -8.28 -13.34 38.50
CA ASN F 219 -9.28 -13.83 39.43
C ASN F 219 -10.66 -13.94 38.80
N SER F 220 -10.78 -13.77 37.48
CA SER F 220 -12.06 -13.86 36.79
C SER F 220 -12.13 -15.06 35.86
N CYS F 221 -11.22 -16.02 36.02
CA CYS F 221 -11.21 -17.21 35.16
C CYS F 221 -12.39 -18.13 35.45
N ALA F 222 -13.60 -17.66 35.14
CA ALA F 222 -14.81 -18.45 35.36
C ALA F 222 -15.33 -19.01 34.05
N SER F 223 -15.75 -18.14 33.14
CA SER F 223 -16.35 -18.56 31.88
C SER F 223 -15.42 -18.28 30.70
N GLY F 224 -14.29 -18.97 30.73
CA GLY F 224 -13.33 -18.97 29.65
C GLY F 224 -12.38 -17.80 29.64
N ILE F 225 -12.24 -17.08 30.75
CA ILE F 225 -11.30 -15.97 30.83
C ILE F 225 -9.88 -16.52 30.87
N THR F 226 -8.99 -15.93 30.07
CA THR F 226 -7.57 -16.29 30.09
C THR F 226 -6.77 -15.02 29.88
N VAL F 227 -5.84 -14.73 30.78
CA VAL F 227 -5.10 -13.48 30.77
C VAL F 227 -3.75 -13.71 30.10
N VAL F 228 -3.19 -12.63 29.55
CA VAL F 228 -1.83 -12.64 29.04
C VAL F 228 -1.02 -11.57 29.76
N ASN F 229 0.21 -11.33 29.29
CA ASN F 229 1.10 -10.39 29.92
C ASN F 229 0.55 -8.97 29.81
N ILE F 230 1.20 -8.05 30.54
CA ILE F 230 0.84 -6.64 30.47
C ILE F 230 1.11 -6.11 29.07
N ASP F 231 0.19 -5.30 28.54
CA ASP F 231 0.30 -4.60 27.27
C ASP F 231 0.54 -5.54 26.09
N ASN F 232 0.47 -6.85 26.29
CA ASN F 232 0.83 -7.81 25.23
C ASN F 232 -0.39 -8.08 24.36
N GLY F 233 -0.77 -7.05 23.60
CA GLY F 233 -1.83 -7.23 22.63
C GLY F 233 -1.47 -8.20 21.52
N PHE F 234 -0.19 -8.29 21.18
CA PHE F 234 0.25 -9.20 20.13
C PHE F 234 0.04 -10.65 20.54
N GLY F 235 0.65 -11.06 21.66
CA GLY F 235 0.53 -12.43 22.11
C GLY F 235 -0.90 -12.88 22.31
N ALA F 236 -1.76 -11.96 22.76
CA ALA F 236 -3.19 -12.25 22.84
C ALA F 236 -3.75 -12.58 21.47
N ALA F 237 -3.46 -11.73 20.48
CA ALA F 237 -3.95 -11.98 19.13
C ALA F 237 -3.27 -13.18 18.48
N TYR F 238 -2.04 -13.48 18.89
CA TYR F 238 -1.40 -14.70 18.41
C TYR F 238 -2.18 -15.93 18.85
N SER F 239 -2.51 -16.01 20.13
CA SER F 239 -3.30 -17.14 20.62
C SER F 239 -4.71 -17.10 20.04
N ALA F 240 -5.28 -15.91 19.89
CA ALA F 240 -6.65 -15.80 19.37
C ALA F 240 -6.74 -16.19 17.90
N SER F 241 -5.65 -16.09 17.14
CA SER F 241 -5.68 -16.50 15.74
C SER F 241 -5.70 -18.02 15.59
N MET F 242 -5.03 -18.73 16.49
CA MET F 242 -5.04 -20.19 16.42
C MET F 242 -6.40 -20.75 16.83
N VAL F 243 -7.05 -20.13 17.82
CA VAL F 243 -8.36 -20.57 18.24
C VAL F 243 -9.39 -20.29 17.15
N ASN F 244 -9.22 -19.18 16.42
CA ASN F 244 -10.17 -18.83 15.38
C ASN F 244 -10.03 -19.71 14.15
N GLN F 245 -8.85 -20.28 13.93
CA GLN F 245 -8.55 -21.09 12.75
C GLN F 245 -8.29 -22.55 13.12
N MET F 246 -9.03 -23.05 14.11
CA MET F 246 -8.84 -24.41 14.59
C MET F 246 -9.16 -25.44 13.51
#